data_7WVX
#
_entry.id   7WVX
#
_cell.length_a   1.00
_cell.length_b   1.00
_cell.length_c   1.00
_cell.angle_alpha   90.00
_cell.angle_beta   90.00
_cell.angle_gamma   90.00
#
_symmetry.space_group_name_H-M   'P 1'
#
loop_
_entity.id
_entity.type
_entity.pdbx_description
1 polymer Humanin
2 polymer 'Soluble cytochrome b562,N-formyl peptide receptor 2'
3 polymer 'Guanine nucleotide-binding protein G(i) subunit alpha-2'
4 polymer 'Guanine nucleotide-binding protein G(I)/G(S)/G(T) subunit beta-1'
5 polymer 'Guanine nucleotide-binding protein G(I)/G(S)/G(O) subunit gamma-2'
#
loop_
_entity_poly.entity_id
_entity_poly.type
_entity_poly.pdbx_seq_one_letter_code
_entity_poly.pdbx_strand_id
1 'polypeptide(L)' (FME)APRGFSCLLLLTSEIDLPVKRRA L
2 'polypeptide(L)'
;GAPADLEDNWETLNDNLKVIEKADNAAQVKDALTKMRAAALDAQKATPPKLEDKSPDSPEMKDFRHGFDILVGQIDDALK
LANEGKVKEAQAAAEQLKTTRNAYIQKYLGSGSENLYFQSETNFSTPLNEYEEVSYESAGYTVLRILPLVVLGVTFVLGV
LGNGLVIWVAGFRMTRTVTTICYLNLALADFSFTATLPFLIVSMAMGEKWPFGWFLCKLIHIVVDINLFGSVFLIGFIAL
DRCICVLHPVWAQNHRTVSLAMKVIVGPWILALVLTLPVFLFLTTVTIPNGDTYCTFNFASWGGTPEERLKVAITMLTAR
GIIRFVIGFLLPMSIVAICYGLIAAKIHKKGMIKSSRPLRVLTAVVASFFICWFPFQLVALLGTVWLKEMLFYGKYKIID
ILVNPTSSLAFFNSCLNPMLYVFVGQDFRERLIHSLPTSLERALSEDSAPTNDTAANSASPPAETEFLEVLFQGPGSWSH
PQFEKGSGAGASAGSWSHPQFEKGSDYKDDDDK
;
R
3 'polypeptide(L)'
;MGCTVSAEDKAAAERSKMIDKNLREDGEKAAREVKLLLLGAGESGKNTIVKQMKIIHEDGYSEEECRQYRAVVYSNTIQS
IMAIVKAMGNLQIDFADPSRADDARQLFALSCTAEEQGVLPDDLSGVIRRLWADHGVQACFGRSREYQLNDSAAYYLNDL
ERIAQSDYIPTQQDVLRTRVKTTGIVETHFTFKDLHFKMFDVGAQRSERKKWIHCFEGVTAIIFCVALSAYDLVLAEDEE
MNRMHASMKLFDSICNNKWFTDTSIILFLNKKDLFEEKITHSPLTICFPEYTGANKYDEAASYIQSKFEDLNKRKDTKEI
YTHFTCSTDTKNVQFVFDAVTDVIIKNNLKDCGLF
;
A
4 'polypeptide(L)'
;MHHHHHHGSLLQSELDQLRQEAEQLKNQIRDARKACADATLSQITNNIDPVGRIQMRTRRTLRGHLAKIYAMHWGTDSRL
LVSASQDGKLIIWDSYTTNKVHAIPLRSSWVMTCAYAPSGNYVACGGLDNICSIYNLKTREGNVRVSRELAGHTGYLSCC
RFLDDNQIVTSSGDTTCALWDIETGQQTTTFTGHTGDVMSLSLAPDTRLFVSGACDASAKLWDVREGMCRQTFTGHESDI
NAICFFPNGNAFATGSDDATCRLFDLRADQELMTYSHDNIICGITSVSFSKSGRLLLAGYDDFNCNVWDALKADRAGVLA
GHDNRVSCLGVTDDGMAVATGSWDSFLKIWN
;
B
5 'polypeptide(L)' MASNNTASIAQARKLVEQLKMEANIDRIKVSKAAADLMAYCEAHAKEDPLLTPVPASENPFREKKFFCAIL C
#
# COMPACT_ATOMS: atom_id res chain seq x y z
N ALA A 2 7.10 33.32 -21.55
CA ALA A 2 6.01 33.69 -22.44
C ALA A 2 6.51 34.67 -23.50
N PRO A 3 6.52 34.25 -24.76
CA PRO A 3 7.12 35.08 -25.81
C PRO A 3 6.23 36.27 -26.15
N ARG A 4 6.84 37.45 -26.18
CA ARG A 4 6.13 38.64 -26.64
C ARG A 4 5.94 38.57 -28.16
N GLY A 5 4.71 38.84 -28.61
CA GLY A 5 4.43 38.75 -30.03
C GLY A 5 4.51 40.06 -30.77
N PHE A 6 3.81 41.08 -30.28
CA PHE A 6 3.74 42.39 -30.92
C PHE A 6 4.25 43.49 -29.99
N SER A 7 5.32 43.21 -29.27
CA SER A 7 5.97 44.22 -28.45
C SER A 7 7.01 45.02 -29.23
N CYS A 8 7.26 44.65 -30.48
CA CYS A 8 8.20 45.37 -31.34
C CYS A 8 7.53 46.45 -32.18
N LEU A 9 6.20 46.56 -32.11
CA LEU A 9 5.43 47.54 -32.87
C LEU A 9 5.46 48.92 -32.23
N LEU A 10 6.43 49.16 -31.35
CA LEU A 10 6.58 50.43 -30.61
C LEU A 10 5.40 50.72 -29.70
N LEU A 11 4.60 49.69 -29.37
CA LEU A 11 3.65 49.80 -28.28
C LEU A 11 4.34 49.75 -26.93
N LEU A 12 5.63 49.41 -26.90
CA LEU A 12 6.39 49.37 -25.66
C LEU A 12 6.46 50.74 -25.00
N THR A 13 6.56 51.80 -25.81
CA THR A 13 6.66 53.16 -25.31
C THR A 13 5.36 53.94 -25.41
N SER A 14 4.29 53.34 -25.95
CA SER A 14 3.02 54.04 -26.08
C SER A 14 2.39 54.30 -24.72
N GLU A 15 1.86 55.50 -24.54
CA GLU A 15 1.22 55.89 -23.28
C GLU A 15 -0.30 55.85 -23.41
N SER B 138 4.01 34.21 -50.20
CA SER B 138 3.16 34.19 -49.01
C SER B 138 2.02 33.19 -49.16
N ALA B 139 2.10 32.38 -50.22
CA ALA B 139 1.07 31.36 -50.45
C ALA B 139 1.06 30.33 -49.33
N GLY B 140 2.23 29.91 -48.87
CA GLY B 140 2.33 28.94 -47.80
C GLY B 140 2.21 29.50 -46.40
N TYR B 141 2.05 30.82 -46.26
CA TYR B 141 1.93 31.41 -44.93
C TYR B 141 0.58 31.11 -44.29
N THR B 142 -0.44 30.75 -45.08
CA THR B 142 -1.72 30.40 -44.50
C THR B 142 -1.61 29.14 -43.64
N VAL B 143 -0.81 28.17 -44.08
CA VAL B 143 -0.55 26.99 -43.25
C VAL B 143 0.22 27.39 -41.99
N LEU B 144 1.24 28.24 -42.15
CA LEU B 144 2.02 28.70 -41.00
C LEU B 144 1.18 29.47 -39.99
N ARG B 145 0.06 30.04 -40.42
CA ARG B 145 -0.84 30.72 -39.49
C ARG B 145 -1.92 29.80 -38.92
N ILE B 146 -2.38 28.83 -39.70
CA ILE B 146 -3.48 27.98 -39.26
C ILE B 146 -2.99 26.86 -38.35
N LEU B 147 -1.86 26.23 -38.70
CA LEU B 147 -1.37 25.11 -37.91
C LEU B 147 -1.16 25.41 -36.43
N PRO B 148 -0.59 26.56 -36.03
CA PRO B 148 -0.48 26.82 -34.58
C PRO B 148 -1.82 26.79 -33.85
N LEU B 149 -2.90 27.23 -34.49
CA LEU B 149 -4.20 27.23 -33.83
C LEU B 149 -4.64 25.80 -33.50
N VAL B 150 -4.58 24.90 -34.47
CA VAL B 150 -5.00 23.52 -34.22
C VAL B 150 -4.03 22.82 -33.27
N VAL B 151 -2.73 23.14 -33.35
CA VAL B 151 -1.78 22.55 -32.41
C VAL B 151 -2.09 22.99 -31.00
N LEU B 152 -2.39 24.27 -30.79
CA LEU B 152 -2.77 24.73 -29.46
C LEU B 152 -4.08 24.11 -29.00
N GLY B 153 -5.04 23.92 -29.91
CA GLY B 153 -6.30 23.30 -29.53
C GLY B 153 -6.13 21.87 -29.06
N VAL B 154 -5.39 21.07 -29.84
CA VAL B 154 -5.14 19.68 -29.44
C VAL B 154 -4.28 19.63 -28.19
N THR B 155 -3.35 20.57 -28.04
CA THR B 155 -2.56 20.67 -26.82
C THR B 155 -3.46 20.95 -25.63
N PHE B 156 -4.41 21.87 -25.77
CA PHE B 156 -5.37 22.15 -24.70
C PHE B 156 -6.14 20.90 -24.32
N VAL B 157 -6.72 20.21 -25.32
CA VAL B 157 -7.55 19.06 -25.01
C VAL B 157 -6.73 17.97 -24.31
N LEU B 158 -5.58 17.62 -24.89
CA LEU B 158 -4.76 16.55 -24.33
C LEU B 158 -4.23 16.92 -22.96
N GLY B 159 -3.77 18.17 -22.78
CA GLY B 159 -3.25 18.57 -21.50
C GLY B 159 -4.29 18.57 -20.41
N VAL B 160 -5.48 19.11 -20.70
CA VAL B 160 -6.55 19.10 -19.71
C VAL B 160 -6.91 17.67 -19.33
N LEU B 161 -7.12 16.81 -20.33
CA LEU B 161 -7.50 15.43 -20.03
C LEU B 161 -6.44 14.72 -19.20
N GLY B 162 -5.18 14.75 -19.67
CA GLY B 162 -4.13 14.04 -18.98
C GLY B 162 -3.85 14.58 -17.60
N ASN B 163 -3.81 15.91 -17.45
CA ASN B 163 -3.54 16.50 -16.15
C ASN B 163 -4.66 16.25 -15.17
N GLY B 164 -5.91 16.32 -15.63
CA GLY B 164 -7.02 15.98 -14.76
C GLY B 164 -6.95 14.54 -14.28
N LEU B 165 -6.66 13.62 -15.20
CA LEU B 165 -6.54 12.21 -14.81
C LEU B 165 -5.40 12.02 -13.82
N VAL B 166 -4.25 12.62 -14.09
CA VAL B 166 -3.08 12.45 -13.22
C VAL B 166 -3.36 13.02 -11.83
N ILE B 167 -3.95 14.22 -11.77
CA ILE B 167 -4.24 14.84 -10.48
C ILE B 167 -5.25 13.99 -9.70
N TRP B 168 -6.30 13.54 -10.38
CA TRP B 168 -7.33 12.75 -9.70
C TRP B 168 -6.75 11.44 -9.16
N VAL B 169 -5.88 10.79 -9.94
CA VAL B 169 -5.34 9.49 -9.52
C VAL B 169 -4.30 9.67 -8.42
N ALA B 170 -3.37 10.61 -8.61
CA ALA B 170 -2.27 10.74 -7.66
C ALA B 170 -2.72 11.36 -6.35
N GLY B 171 -3.51 12.43 -6.40
CA GLY B 171 -3.88 13.15 -5.20
C GLY B 171 -4.94 12.48 -4.36
N PHE B 172 -5.68 11.54 -4.92
CA PHE B 172 -6.77 10.91 -4.19
C PHE B 172 -6.70 9.39 -4.20
N ARG B 173 -6.23 8.79 -5.30
CA ARG B 173 -6.25 7.35 -5.45
C ARG B 173 -4.88 6.70 -5.30
N MET B 174 -3.85 7.46 -4.90
CA MET B 174 -2.51 6.93 -4.78
C MET B 174 -1.88 7.35 -3.45
N THR B 175 -0.88 6.57 -3.04
CA THR B 175 -0.16 6.87 -1.81
C THR B 175 0.66 8.15 -1.97
N ARG B 176 0.74 8.93 -0.89
CA ARG B 176 1.38 10.24 -0.90
C ARG B 176 2.89 10.04 -0.78
N THR B 177 3.56 9.94 -1.92
CA THR B 177 5.00 9.72 -1.98
C THR B 177 5.71 10.90 -2.64
N VAL B 178 7.04 10.83 -2.64
CA VAL B 178 7.84 11.92 -3.21
C VAL B 178 7.66 12.00 -4.71
N THR B 179 7.74 10.85 -5.40
CA THR B 179 7.46 10.83 -6.83
C THR B 179 6.02 11.23 -7.09
N THR B 180 5.10 10.83 -6.20
CA THR B 180 3.70 11.21 -6.36
C THR B 180 3.52 12.71 -6.29
N ILE B 181 4.16 13.37 -5.32
CA ILE B 181 3.98 14.82 -5.20
C ILE B 181 4.70 15.54 -6.33
N CYS B 182 5.84 15.04 -6.78
CA CYS B 182 6.50 15.65 -7.93
C CYS B 182 5.62 15.59 -9.17
N TYR B 183 5.05 14.40 -9.44
CA TYR B 183 4.16 14.25 -10.58
C TYR B 183 2.91 15.11 -10.43
N LEU B 184 2.39 15.21 -9.21
CA LEU B 184 1.19 16.02 -8.97
C LEU B 184 1.49 17.50 -9.19
N ASN B 185 2.65 17.97 -8.74
CA ASN B 185 3.02 19.37 -8.98
C ASN B 185 3.18 19.65 -10.47
N LEU B 186 3.84 18.73 -11.19
CA LEU B 186 3.97 18.91 -12.64
C LEU B 186 2.61 18.93 -13.31
N ALA B 187 1.72 18.02 -12.91
CA ALA B 187 0.39 17.95 -13.50
C ALA B 187 -0.42 19.21 -13.18
N LEU B 188 -0.31 19.73 -11.95
CA LEU B 188 -1.02 20.95 -11.61
C LEU B 188 -0.51 22.13 -12.42
N ALA B 189 0.81 22.24 -12.58
CA ALA B 189 1.36 23.32 -13.40
C ALA B 189 0.88 23.22 -14.83
N ASP B 190 0.92 22.01 -15.41
CA ASP B 190 0.46 21.84 -16.78
C ASP B 190 -1.03 22.10 -16.92
N PHE B 191 -1.83 21.69 -15.93
CA PHE B 191 -3.27 21.92 -15.98
C PHE B 191 -3.59 23.41 -15.91
N SER B 192 -2.94 24.12 -15.00
CA SER B 192 -3.16 25.57 -14.91
C SER B 192 -2.68 26.27 -16.16
N PHE B 193 -1.67 25.70 -16.85
CA PHE B 193 -1.23 26.29 -18.10
C PHE B 193 -2.24 26.03 -19.23
N THR B 194 -2.75 24.80 -19.34
CA THR B 194 -3.65 24.47 -20.44
C THR B 194 -5.04 25.05 -20.23
N ALA B 195 -5.50 25.19 -18.99
CA ALA B 195 -6.78 25.84 -18.76
C ALA B 195 -6.76 27.28 -19.27
N THR B 196 -5.58 27.89 -19.29
CA THR B 196 -5.41 29.23 -19.86
C THR B 196 -5.34 29.19 -21.38
N LEU B 197 -4.94 28.05 -21.96
CA LEU B 197 -4.69 27.97 -23.39
C LEU B 197 -5.81 28.47 -24.29
N PRO B 198 -7.10 28.24 -24.00
CA PRO B 198 -8.15 28.83 -24.86
C PRO B 198 -8.04 30.35 -24.98
N PHE B 199 -7.61 31.03 -23.92
CA PHE B 199 -7.44 32.47 -23.99
C PHE B 199 -6.36 32.84 -25.00
N LEU B 200 -5.23 32.13 -24.98
CA LEU B 200 -4.18 32.39 -25.96
C LEU B 200 -4.64 32.05 -27.37
N ILE B 201 -5.43 30.99 -27.51
CA ILE B 201 -5.95 30.61 -28.83
C ILE B 201 -6.83 31.70 -29.40
N VAL B 202 -7.80 32.18 -28.60
CA VAL B 202 -8.69 33.23 -29.07
C VAL B 202 -7.97 34.57 -29.17
N SER B 203 -6.81 34.71 -28.53
CA SER B 203 -6.02 35.92 -28.70
C SER B 203 -5.29 35.93 -30.03
N MET B 204 -4.52 34.87 -30.31
CA MET B 204 -3.76 34.80 -31.56
C MET B 204 -4.61 34.40 -32.75
N ALA B 205 -5.91 34.12 -32.55
CA ALA B 205 -6.78 33.81 -33.68
C ALA B 205 -6.87 34.98 -34.64
N MET B 206 -6.97 36.21 -34.11
CA MET B 206 -7.01 37.40 -34.94
C MET B 206 -5.74 38.25 -34.80
N GLY B 207 -4.65 37.64 -34.37
CA GLY B 207 -3.38 38.36 -34.28
C GLY B 207 -3.08 38.96 -32.92
N GLU B 208 -3.12 38.14 -31.88
CA GLU B 208 -2.70 38.48 -30.53
C GLU B 208 -3.58 39.55 -29.87
N LYS B 209 -4.66 39.94 -30.53
CA LYS B 209 -5.56 40.94 -29.96
C LYS B 209 -6.25 40.40 -28.71
N TRP B 210 -6.53 41.30 -27.77
CA TRP B 210 -7.13 40.95 -26.48
C TRP B 210 -8.49 41.63 -26.36
N PRO B 211 -9.58 40.94 -26.71
CA PRO B 211 -10.92 41.49 -26.45
C PRO B 211 -11.22 41.62 -24.96
N PHE B 212 -10.46 40.94 -24.10
CA PHE B 212 -10.69 40.97 -22.66
C PHE B 212 -10.04 42.22 -22.06
N GLY B 213 -9.91 42.24 -20.74
CA GLY B 213 -9.53 43.43 -20.01
C GLY B 213 -8.19 43.33 -19.30
N TRP B 214 -7.86 44.44 -18.63
CA TRP B 214 -6.56 44.59 -17.97
C TRP B 214 -6.31 43.49 -16.93
N PHE B 215 -7.26 43.31 -16.01
CA PHE B 215 -7.07 42.31 -14.95
C PHE B 215 -6.97 40.91 -15.52
N LEU B 216 -7.85 40.55 -16.45
CA LEU B 216 -7.81 39.22 -17.01
C LEU B 216 -6.57 39.02 -17.88
N CYS B 217 -6.11 40.06 -18.57
CA CYS B 217 -4.89 39.93 -19.36
C CYS B 217 -3.69 39.65 -18.47
N LYS B 218 -3.54 40.42 -17.38
CA LYS B 218 -2.42 40.14 -16.48
C LYS B 218 -2.56 38.78 -15.82
N LEU B 219 -3.79 38.37 -15.49
CA LEU B 219 -3.98 37.04 -14.91
C LEU B 219 -3.54 35.95 -15.89
N ILE B 220 -3.93 36.07 -17.16
CA ILE B 220 -3.55 35.09 -18.17
C ILE B 220 -2.03 35.02 -18.32
N HIS B 221 -1.38 36.17 -18.50
CA HIS B 221 0.06 36.12 -18.75
C HIS B 221 0.85 35.71 -17.50
N ILE B 222 0.41 36.12 -16.31
CA ILE B 222 1.05 35.68 -15.09
C ILE B 222 0.92 34.16 -14.94
N VAL B 223 -0.27 33.62 -15.20
CA VAL B 223 -0.47 32.19 -15.10
C VAL B 223 0.40 31.45 -16.11
N VAL B 224 0.45 31.95 -17.34
CA VAL B 224 1.26 31.29 -18.37
C VAL B 224 2.73 31.25 -17.97
N ASP B 225 3.28 32.40 -17.56
CA ASP B 225 4.71 32.44 -17.28
C ASP B 225 5.04 31.64 -16.03
N ILE B 226 4.21 31.76 -14.98
CA ILE B 226 4.46 31.02 -13.74
C ILE B 226 4.38 29.52 -13.99
N ASN B 227 3.37 29.08 -14.74
CA ASN B 227 3.21 27.65 -14.97
C ASN B 227 4.29 27.09 -15.87
N LEU B 228 4.71 27.84 -16.89
CA LEU B 228 5.79 27.38 -17.75
C LEU B 228 7.08 27.24 -16.96
N PHE B 229 7.43 28.26 -16.17
CA PHE B 229 8.63 28.19 -15.37
C PHE B 229 8.55 27.06 -14.34
N GLY B 230 7.39 26.90 -13.70
CA GLY B 230 7.22 25.83 -12.74
C GLY B 230 7.33 24.46 -13.37
N SER B 231 6.76 24.29 -14.56
CA SER B 231 6.85 23.01 -15.26
C SER B 231 8.28 22.67 -15.63
N VAL B 232 9.02 23.64 -16.16
CA VAL B 232 10.40 23.34 -16.56
C VAL B 232 11.27 23.10 -15.32
N PHE B 233 11.03 23.86 -14.24
CA PHE B 233 11.79 23.65 -13.02
C PHE B 233 11.45 22.32 -12.37
N LEU B 234 10.19 21.88 -12.46
CA LEU B 234 9.82 20.58 -11.93
C LEU B 234 10.39 19.45 -12.77
N ILE B 235 10.50 19.64 -14.09
CA ILE B 235 11.18 18.65 -14.93
C ILE B 235 12.64 18.53 -14.50
N GLY B 236 13.30 19.67 -14.32
CA GLY B 236 14.68 19.64 -13.86
C GLY B 236 14.83 19.00 -12.50
N PHE B 237 13.91 19.31 -11.58
CA PHE B 237 13.98 18.74 -10.23
C PHE B 237 13.71 17.24 -10.26
N ILE B 238 12.80 16.78 -11.10
CA ILE B 238 12.55 15.35 -11.22
C ILE B 238 13.78 14.65 -11.78
N ALA B 239 14.44 15.26 -12.76
CA ALA B 239 15.68 14.70 -13.27
C ALA B 239 16.74 14.62 -12.17
N LEU B 240 16.86 15.68 -11.36
CA LEU B 240 17.81 15.69 -10.26
C LEU B 240 17.48 14.61 -9.23
N ASP B 241 16.20 14.44 -8.92
CA ASP B 241 15.79 13.42 -7.95
C ASP B 241 16.08 12.03 -8.46
N ARG B 242 15.81 11.77 -9.74
CA ARG B 242 16.14 10.47 -10.32
C ARG B 242 17.65 10.23 -10.30
N CYS B 243 18.44 11.26 -10.62
CA CYS B 243 19.88 11.13 -10.57
C CYS B 243 20.37 10.84 -9.15
N ILE B 244 19.78 11.50 -8.15
CA ILE B 244 20.15 11.25 -6.76
C ILE B 244 19.79 9.83 -6.35
N CYS B 245 18.59 9.38 -6.74
CA CYS B 245 18.15 8.04 -6.37
C CYS B 245 19.02 6.96 -7.02
N VAL B 246 19.43 7.18 -8.26
CA VAL B 246 20.21 6.16 -8.96
C VAL B 246 21.68 6.19 -8.53
N LEU B 247 22.28 7.38 -8.50
CA LEU B 247 23.69 7.50 -8.15
C LEU B 247 23.94 7.34 -6.66
N HIS B 248 23.02 7.80 -5.82
CA HIS B 248 23.17 7.76 -4.37
C HIS B 248 21.95 7.10 -3.75
N PRO B 249 21.82 5.78 -3.88
CA PRO B 249 20.67 5.09 -3.29
C PRO B 249 20.58 5.22 -1.78
N VAL B 250 21.72 5.25 -1.09
CA VAL B 250 21.71 5.37 0.36
C VAL B 250 21.13 6.72 0.79
N TRP B 251 21.56 7.79 0.13
CA TRP B 251 21.05 9.12 0.47
C TRP B 251 19.56 9.22 0.16
N ALA B 252 19.12 8.65 -0.95
CA ALA B 252 17.69 8.66 -1.28
C ALA B 252 16.89 7.87 -0.26
N GLN B 253 17.42 6.74 0.20
CA GLN B 253 16.72 5.95 1.20
C GLN B 253 16.64 6.67 2.54
N ASN B 254 17.72 7.33 2.95
CA ASN B 254 17.81 7.90 4.28
C ASN B 254 17.52 9.39 4.35
N HIS B 255 17.37 10.08 3.21
CA HIS B 255 17.21 11.53 3.26
C HIS B 255 16.16 12.05 2.28
N ARG B 256 15.27 11.21 1.79
CA ARG B 256 14.19 11.63 0.90
C ARG B 256 12.87 11.37 1.62
N THR B 257 12.39 12.40 2.31
CA THR B 257 11.14 12.33 3.04
C THR B 257 10.10 13.23 2.40
N VAL B 258 8.83 12.96 2.70
CA VAL B 258 7.73 13.68 2.07
C VAL B 258 7.76 15.15 2.44
N SER B 259 7.98 15.45 3.73
CA SER B 259 8.02 16.84 4.17
C SER B 259 9.17 17.60 3.53
N LEU B 260 10.37 17.00 3.54
CA LEU B 260 11.51 17.64 2.89
C LEU B 260 11.29 17.77 1.40
N ALA B 261 10.64 16.77 0.79
CA ALA B 261 10.34 16.84 -0.64
C ALA B 261 9.41 18.01 -0.95
N MET B 262 8.38 18.21 -0.13
CA MET B 262 7.51 19.37 -0.32
C MET B 262 8.28 20.67 -0.13
N LYS B 263 9.14 20.71 0.88
CA LYS B 263 9.92 21.93 1.13
C LYS B 263 10.80 22.27 -0.07
N VAL B 264 11.39 21.26 -0.71
CA VAL B 264 12.25 21.54 -1.86
C VAL B 264 11.47 21.69 -3.15
N ILE B 265 10.21 21.24 -3.21
CA ILE B 265 9.33 21.63 -4.31
C ILE B 265 8.93 23.09 -4.19
N VAL B 266 8.84 23.60 -2.95
CA VAL B 266 8.46 25.00 -2.75
C VAL B 266 9.42 25.94 -3.47
N GLY B 267 10.71 25.58 -3.52
CA GLY B 267 11.73 26.44 -4.09
C GLY B 267 11.55 26.81 -5.55
N PRO B 268 11.31 25.82 -6.41
CA PRO B 268 11.04 26.14 -7.83
C PRO B 268 9.87 27.08 -8.02
N TRP B 269 8.82 26.96 -7.21
CA TRP B 269 7.70 27.89 -7.32
C TRP B 269 8.12 29.30 -6.95
N ILE B 270 8.97 29.45 -5.92
CA ILE B 270 9.49 30.76 -5.55
C ILE B 270 10.33 31.33 -6.69
N LEU B 271 11.15 30.49 -7.33
CA LEU B 271 11.94 30.95 -8.46
C LEU B 271 11.04 31.40 -9.61
N ALA B 272 9.97 30.65 -9.87
CA ALA B 272 9.02 31.04 -10.91
C ALA B 272 8.37 32.38 -10.59
N LEU B 273 7.98 32.59 -9.33
CA LEU B 273 7.41 33.87 -8.93
C LEU B 273 8.41 35.01 -9.12
N VAL B 274 9.67 34.78 -8.75
CA VAL B 274 10.69 35.80 -8.89
C VAL B 274 10.90 36.15 -10.36
N LEU B 275 10.96 35.13 -11.23
CA LEU B 275 11.16 35.37 -12.64
C LEU B 275 9.92 35.93 -13.33
N THR B 276 8.73 35.76 -12.73
CA THR B 276 7.50 36.30 -13.28
C THR B 276 7.19 37.69 -12.72
N LEU B 277 7.93 38.14 -11.71
CA LEU B 277 7.79 39.52 -11.22
C LEU B 277 7.85 40.58 -12.32
N PRO B 278 8.78 40.55 -13.29
CA PRO B 278 8.70 41.53 -14.38
C PRO B 278 7.41 41.42 -15.18
N VAL B 279 6.84 40.21 -15.29
CA VAL B 279 5.50 40.10 -15.85
C VAL B 279 4.48 40.71 -14.91
N PHE B 280 4.73 40.65 -13.60
CA PHE B 280 3.82 41.26 -12.63
C PHE B 280 3.70 42.76 -12.85
N LEU B 281 4.84 43.47 -12.89
CA LEU B 281 4.73 44.93 -12.90
C LEU B 281 4.84 45.55 -14.29
N PHE B 282 5.73 45.04 -15.15
CA PHE B 282 6.00 45.76 -16.39
C PHE B 282 4.89 45.56 -17.42
N LEU B 283 4.29 44.38 -17.48
CA LEU B 283 3.24 44.12 -18.45
C LEU B 283 1.97 44.86 -18.04
N THR B 284 1.23 45.35 -19.04
CA THR B 284 0.00 46.11 -18.81
C THR B 284 -0.81 46.12 -20.10
N THR B 285 -1.93 46.85 -20.06
CA THR B 285 -2.82 46.96 -21.21
C THR B 285 -2.70 48.34 -21.83
N VAL B 286 -2.44 48.38 -23.14
CA VAL B 286 -2.40 49.62 -23.91
C VAL B 286 -3.29 49.46 -25.13
N THR B 287 -3.89 50.57 -25.56
CA THR B 287 -4.81 50.59 -26.69
C THR B 287 -4.24 51.45 -27.80
N ILE B 288 -4.23 50.91 -29.02
CA ILE B 288 -3.77 51.65 -30.20
C ILE B 288 -4.87 52.63 -30.61
N PRO B 289 -4.55 53.68 -31.36
CA PRO B 289 -5.59 54.63 -31.78
C PRO B 289 -6.65 54.03 -32.68
N ASN B 290 -6.42 52.86 -33.27
CA ASN B 290 -7.40 52.21 -34.13
C ASN B 290 -8.49 51.47 -33.36
N GLY B 291 -8.46 51.52 -32.03
CA GLY B 291 -9.47 50.89 -31.21
C GLY B 291 -9.23 49.43 -30.88
N ASP B 292 -8.15 48.84 -31.38
CA ASP B 292 -7.81 47.46 -31.02
C ASP B 292 -7.01 47.46 -29.73
N THR B 293 -7.24 46.43 -28.91
CA THR B 293 -6.62 46.31 -27.60
C THR B 293 -5.47 45.31 -27.69
N TYR B 294 -4.25 45.77 -27.39
CA TYR B 294 -3.06 44.94 -27.35
C TYR B 294 -2.41 45.12 -25.98
N CYS B 295 -2.54 44.11 -25.12
CA CYS B 295 -1.98 44.19 -23.78
C CYS B 295 -0.67 43.42 -23.74
N THR B 296 0.44 44.17 -23.71
CA THR B 296 1.79 43.62 -23.67
C THR B 296 2.61 44.49 -22.73
N PHE B 297 3.92 44.28 -22.73
CA PHE B 297 4.80 45.06 -21.87
C PHE B 297 4.79 46.52 -22.30
N ASN B 298 4.98 47.41 -21.34
CA ASN B 298 4.94 48.84 -21.59
C ASN B 298 5.77 49.58 -20.56
N PHE B 299 6.32 50.73 -20.95
CA PHE B 299 7.18 51.54 -20.08
C PHE B 299 6.75 52.99 -20.08
N ALA B 300 5.45 53.26 -20.23
CA ALA B 300 4.98 54.65 -20.23
C ALA B 300 5.24 55.32 -18.90
N SER B 301 4.93 54.64 -17.79
CA SER B 301 5.11 55.23 -16.46
C SER B 301 6.57 55.23 -16.04
N TRP B 302 7.30 54.15 -16.33
CA TRP B 302 8.65 54.00 -15.78
C TRP B 302 9.63 54.99 -16.40
N GLY B 303 9.63 55.10 -17.73
CA GLY B 303 10.64 55.91 -18.39
C GLY B 303 10.51 57.40 -18.10
N GLY B 304 9.31 57.93 -18.25
CA GLY B 304 9.09 59.36 -18.07
C GLY B 304 9.42 60.16 -19.32
N THR B 305 10.50 59.81 -19.99
CA THR B 305 10.93 60.43 -21.23
C THR B 305 11.16 59.35 -22.27
N PRO B 306 10.86 59.64 -23.55
CA PRO B 306 10.90 58.56 -24.55
C PRO B 306 12.27 57.92 -24.74
N GLU B 307 13.35 58.69 -24.62
CA GLU B 307 14.69 58.09 -24.67
C GLU B 307 14.91 57.15 -23.49
N GLU B 308 14.52 57.60 -22.29
CA GLU B 308 14.61 56.73 -21.12
C GLU B 308 13.70 55.52 -21.24
N ARG B 309 12.49 55.73 -21.78
CA ARG B 309 11.58 54.60 -22.00
C ARG B 309 12.22 53.56 -22.91
N LEU B 310 12.80 54.00 -24.03
CA LEU B 310 13.44 53.07 -24.95
C LEU B 310 14.62 52.36 -24.29
N LYS B 311 15.44 53.11 -23.54
CA LYS B 311 16.60 52.50 -22.90
C LYS B 311 16.18 51.43 -21.90
N VAL B 312 15.24 51.75 -21.01
CA VAL B 312 14.82 50.79 -20.01
C VAL B 312 14.09 49.62 -20.65
N ALA B 313 13.37 49.86 -21.76
CA ALA B 313 12.69 48.78 -22.45
C ALA B 313 13.68 47.81 -23.06
N ILE B 314 14.71 48.33 -23.73
CA ILE B 314 15.74 47.45 -24.29
C ILE B 314 16.44 46.69 -23.17
N THR B 315 16.74 47.36 -22.07
CA THR B 315 17.39 46.69 -20.94
C THR B 315 16.51 45.55 -20.41
N MET B 316 15.22 45.80 -20.23
CA MET B 316 14.35 44.77 -19.66
C MET B 316 14.19 43.61 -20.63
N LEU B 317 14.02 43.89 -21.92
CA LEU B 317 13.90 42.81 -22.89
C LEU B 317 15.17 41.96 -22.95
N THR B 318 16.34 42.60 -22.94
CA THR B 318 17.59 41.84 -22.96
C THR B 318 17.73 41.00 -21.70
N ALA B 319 17.43 41.58 -20.53
CA ALA B 319 17.54 40.83 -19.29
C ALA B 319 16.56 39.65 -19.27
N ARG B 320 15.33 39.87 -19.72
CA ARG B 320 14.32 38.81 -19.75
C ARG B 320 14.74 37.69 -20.70
N GLY B 321 15.26 38.05 -21.87
CA GLY B 321 15.71 37.02 -22.80
C GLY B 321 16.85 36.20 -22.26
N ILE B 322 17.85 36.87 -21.66
CA ILE B 322 18.98 36.15 -21.08
C ILE B 322 18.51 35.26 -19.94
N ILE B 323 17.63 35.78 -19.08
CA ILE B 323 17.12 35.00 -17.96
C ILE B 323 16.37 33.77 -18.45
N ARG B 324 15.51 33.94 -19.45
CA ARG B 324 14.78 32.82 -20.00
C ARG B 324 15.73 31.78 -20.57
N PHE B 325 16.68 32.21 -21.40
CA PHE B 325 17.58 31.27 -22.05
C PHE B 325 18.43 30.52 -21.04
N VAL B 326 18.87 31.19 -19.98
CA VAL B 326 19.77 30.54 -19.02
C VAL B 326 18.98 29.72 -18.01
N ILE B 327 18.14 30.37 -17.21
CA ILE B 327 17.45 29.66 -16.13
C ILE B 327 16.37 28.75 -16.69
N GLY B 328 15.59 29.23 -17.66
CA GLY B 328 14.47 28.43 -18.16
C GLY B 328 14.89 27.34 -19.13
N PHE B 329 15.97 27.54 -19.87
CA PHE B 329 16.42 26.56 -20.86
C PHE B 329 17.77 25.96 -20.51
N LEU B 330 18.80 26.78 -20.34
CA LEU B 330 20.15 26.23 -20.13
C LEU B 330 20.23 25.45 -18.82
N LEU B 331 19.63 25.97 -17.76
CA LEU B 331 19.68 25.27 -16.47
C LEU B 331 18.98 23.91 -16.51
N PRO B 332 17.74 23.77 -17.01
CA PRO B 332 17.12 22.45 -17.01
C PRO B 332 17.68 21.51 -18.08
N MET B 333 17.99 22.04 -19.26
CA MET B 333 18.53 21.21 -20.33
C MET B 333 19.87 20.61 -19.93
N SER B 334 20.74 21.42 -19.31
CA SER B 334 21.99 20.87 -18.78
C SER B 334 21.72 19.87 -17.67
N ILE B 335 20.76 20.16 -16.80
CA ILE B 335 20.40 19.24 -15.72
C ILE B 335 19.83 17.95 -16.31
N VAL B 336 18.91 18.08 -17.27
CA VAL B 336 18.28 16.90 -17.86
C VAL B 336 19.31 16.05 -18.60
N ALA B 337 20.18 16.70 -19.38
CA ALA B 337 21.19 15.96 -20.12
C ALA B 337 22.20 15.29 -19.19
N ILE B 338 22.67 16.03 -18.17
CA ILE B 338 23.66 15.48 -17.26
C ILE B 338 23.06 14.36 -16.41
N CYS B 339 21.88 14.61 -15.84
CA CYS B 339 21.25 13.61 -14.98
C CYS B 339 20.91 12.35 -15.75
N TYR B 340 20.01 12.46 -16.74
CA TYR B 340 19.54 11.28 -17.46
C TYR B 340 20.67 10.51 -18.11
N GLY B 341 21.75 11.19 -18.47
CA GLY B 341 22.94 10.48 -18.92
C GLY B 341 23.56 9.64 -17.82
N LEU B 342 23.50 10.10 -16.57
CA LEU B 342 24.10 9.35 -15.47
C LEU B 342 23.29 8.12 -15.12
N ILE B 343 21.95 8.20 -15.18
CA ILE B 343 21.14 7.01 -14.99
C ILE B 343 21.42 5.99 -16.08
N ALA B 344 21.50 6.45 -17.33
CA ALA B 344 21.83 5.55 -18.44
C ALA B 344 23.21 4.95 -18.27
N ALA B 345 24.18 5.77 -17.85
CA ALA B 345 25.53 5.26 -17.62
C ALA B 345 25.57 4.29 -16.44
N LYS B 346 24.85 4.60 -15.37
CA LYS B 346 24.89 3.76 -14.17
C LYS B 346 24.29 2.38 -14.44
N ILE B 347 23.14 2.34 -15.11
CA ILE B 347 22.52 1.05 -15.41
C ILE B 347 23.37 0.26 -16.42
N HIS B 348 23.99 0.95 -17.37
CA HIS B 348 24.85 0.26 -18.32
C HIS B 348 26.07 -0.36 -17.63
N LYS B 349 26.66 0.36 -16.69
CA LYS B 349 27.81 -0.18 -15.96
C LYS B 349 27.40 -1.39 -15.12
N LYS B 350 26.24 -1.33 -14.48
CA LYS B 350 25.78 -2.42 -13.63
C LYS B 350 25.16 -3.56 -14.42
N GLY B 351 24.89 -3.36 -15.71
CA GLY B 351 24.25 -4.41 -16.51
C GLY B 351 22.86 -4.77 -16.03
N MET B 352 22.07 -3.77 -15.65
CA MET B 352 20.72 -3.98 -15.13
C MET B 352 19.66 -3.92 -16.23
N ILE B 353 20.07 -3.67 -17.47
CA ILE B 353 19.13 -3.51 -18.58
C ILE B 353 18.61 -4.89 -18.96
N LYS B 354 17.42 -5.23 -18.47
CA LYS B 354 16.75 -6.47 -18.85
C LYS B 354 15.81 -6.29 -20.05
N SER B 355 15.56 -5.05 -20.46
CA SER B 355 14.70 -4.77 -21.60
C SER B 355 15.03 -3.39 -22.12
N SER B 356 14.58 -3.11 -23.35
CA SER B 356 14.83 -1.83 -23.98
C SER B 356 13.87 -0.74 -23.52
N ARG B 357 12.87 -1.07 -22.70
CA ARG B 357 11.88 -0.09 -22.28
C ARG B 357 12.49 1.10 -21.53
N PRO B 358 13.35 0.92 -20.52
CA PRO B 358 13.90 2.10 -19.82
C PRO B 358 14.72 3.00 -20.73
N LEU B 359 15.56 2.42 -21.59
CA LEU B 359 16.36 3.23 -22.50
C LEU B 359 15.46 4.00 -23.48
N ARG B 360 14.44 3.32 -24.02
CA ARG B 360 13.53 4.00 -24.93
C ARG B 360 12.79 5.14 -24.24
N VAL B 361 12.32 4.91 -23.01
CA VAL B 361 11.62 5.95 -22.28
C VAL B 361 12.53 7.15 -22.02
N LEU B 362 13.76 6.88 -21.58
CA LEU B 362 14.69 7.95 -21.27
C LEU B 362 15.03 8.76 -22.53
N THR B 363 15.36 8.08 -23.62
CA THR B 363 15.71 8.80 -24.84
C THR B 363 14.52 9.53 -25.43
N ALA B 364 13.31 8.96 -25.30
CA ALA B 364 12.12 9.66 -25.77
C ALA B 364 11.88 10.93 -24.98
N VAL B 365 12.02 10.86 -23.65
CA VAL B 365 11.83 12.05 -22.83
C VAL B 365 12.84 13.12 -23.19
N VAL B 366 14.12 12.73 -23.28
CA VAL B 366 15.17 13.71 -23.57
C VAL B 366 14.97 14.32 -24.95
N ALA B 367 14.70 13.49 -25.95
CA ALA B 367 14.54 13.97 -27.32
C ALA B 367 13.31 14.87 -27.43
N SER B 368 12.20 14.50 -26.80
CA SER B 368 11.01 15.34 -26.85
C SER B 368 11.27 16.70 -26.21
N PHE B 369 11.88 16.70 -25.02
CA PHE B 369 12.17 17.96 -24.35
C PHE B 369 13.08 18.83 -25.20
N PHE B 370 14.12 18.24 -25.79
CA PHE B 370 15.05 19.01 -26.61
C PHE B 370 14.35 19.57 -27.85
N ILE B 371 13.82 18.69 -28.70
CA ILE B 371 13.23 19.14 -29.95
C ILE B 371 11.99 19.99 -29.75
N CYS B 372 11.46 20.07 -28.52
CA CYS B 372 10.31 20.92 -28.27
C CYS B 372 10.66 22.23 -27.58
N TRP B 373 11.76 22.31 -26.85
CA TRP B 373 12.14 23.55 -26.18
C TRP B 373 13.29 24.28 -26.85
N PHE B 374 14.31 23.57 -27.33
CA PHE B 374 15.43 24.22 -27.99
C PHE B 374 15.03 25.10 -29.17
N PRO B 375 14.11 24.70 -30.07
CA PRO B 375 13.70 25.64 -31.13
C PRO B 375 13.12 26.93 -30.61
N PHE B 376 12.17 26.86 -29.67
CA PHE B 376 11.55 28.06 -29.14
C PHE B 376 12.56 28.94 -28.41
N GLN B 377 13.40 28.34 -27.58
CA GLN B 377 14.37 29.12 -26.81
C GLN B 377 15.41 29.74 -27.73
N LEU B 378 15.84 29.01 -28.77
CA LEU B 378 16.77 29.56 -29.74
C LEU B 378 16.15 30.73 -30.50
N VAL B 379 14.89 30.60 -30.89
CA VAL B 379 14.21 31.70 -31.59
C VAL B 379 14.10 32.91 -30.68
N ALA B 380 13.75 32.69 -29.41
CA ALA B 380 13.65 33.80 -28.47
C ALA B 380 15.01 34.47 -28.26
N LEU B 381 16.07 33.68 -28.13
CA LEU B 381 17.40 34.25 -27.95
C LEU B 381 17.83 35.05 -29.17
N LEU B 382 17.57 34.51 -30.38
CA LEU B 382 17.92 35.24 -31.60
C LEU B 382 17.14 36.53 -31.70
N GLY B 383 15.86 36.51 -31.31
CA GLY B 383 15.08 37.73 -31.30
C GLY B 383 15.60 38.76 -30.31
N THR B 384 16.02 38.29 -29.13
CA THR B 384 16.47 39.23 -28.10
C THR B 384 17.82 39.83 -28.44
N VAL B 385 18.75 39.03 -29.00
CA VAL B 385 20.06 39.57 -29.32
C VAL B 385 19.96 40.56 -30.48
N TRP B 386 19.00 40.37 -31.38
CA TRP B 386 18.78 41.28 -32.50
C TRP B 386 17.62 42.23 -32.26
N LEU B 387 17.13 42.30 -31.01
CA LEU B 387 15.95 43.11 -30.71
C LEU B 387 16.19 44.59 -30.97
N LYS B 388 17.39 45.08 -30.64
CA LYS B 388 17.73 46.47 -30.91
C LYS B 388 17.62 46.79 -32.40
N GLU B 389 18.17 45.91 -33.24
CA GLU B 389 18.05 46.10 -34.69
C GLU B 389 16.61 45.98 -35.15
N MET B 390 15.85 45.05 -34.56
CA MET B 390 14.45 44.85 -34.98
C MET B 390 13.61 46.09 -34.70
N LEU B 391 13.78 46.71 -33.54
CA LEU B 391 13.02 47.93 -33.25
C LEU B 391 13.59 49.13 -34.01
N PHE B 392 14.91 49.23 -34.13
CA PHE B 392 15.49 50.39 -34.81
C PHE B 392 15.31 50.31 -36.32
N TYR B 393 15.49 49.12 -36.91
CA TYR B 393 15.45 48.98 -38.36
C TYR B 393 14.58 47.85 -38.87
N GLY B 394 14.24 46.86 -38.04
CA GLY B 394 13.46 45.73 -38.51
C GLY B 394 14.16 44.88 -39.54
N LYS B 395 15.45 44.61 -39.35
CA LYS B 395 16.20 43.81 -40.32
C LYS B 395 15.69 42.38 -40.38
N TYR B 396 15.32 41.80 -39.24
CA TYR B 396 14.89 40.41 -39.17
C TYR B 396 13.38 40.34 -39.01
N LYS B 397 12.74 39.52 -39.83
CA LYS B 397 11.29 39.33 -39.78
C LYS B 397 10.87 37.87 -39.71
N ILE B 398 11.77 36.92 -39.96
CA ILE B 398 11.41 35.51 -39.89
C ILE B 398 11.07 35.11 -38.46
N ILE B 399 11.67 35.78 -37.47
CA ILE B 399 11.42 35.43 -36.07
C ILE B 399 9.97 35.69 -35.70
N ASP B 400 9.40 36.79 -36.19
CA ASP B 400 8.02 37.14 -35.82
C ASP B 400 7.04 36.05 -36.22
N ILE B 401 7.20 35.49 -37.43
CA ILE B 401 6.32 34.42 -37.88
C ILE B 401 6.77 33.04 -37.41
N LEU B 402 8.01 32.91 -36.92
CA LEU B 402 8.52 31.62 -36.47
C LEU B 402 8.29 31.38 -34.99
N VAL B 403 8.01 32.43 -34.21
CA VAL B 403 7.73 32.24 -32.78
C VAL B 403 6.50 31.35 -32.58
N ASN B 404 5.44 31.59 -33.35
CA ASN B 404 4.19 30.88 -33.12
C ASN B 404 4.31 29.36 -33.24
N PRO B 405 4.91 28.80 -34.32
CA PRO B 405 5.09 27.33 -34.33
C PRO B 405 5.95 26.83 -33.20
N THR B 406 7.00 27.57 -32.83
CA THR B 406 7.87 27.14 -31.74
C THR B 406 7.15 27.21 -30.39
N SER B 407 6.35 28.26 -30.18
CA SER B 407 5.54 28.33 -28.97
C SER B 407 4.53 27.20 -28.92
N SER B 408 3.95 26.86 -30.07
CA SER B 408 3.03 25.72 -30.13
C SER B 408 3.74 24.43 -29.75
N LEU B 409 4.96 24.23 -30.26
CA LEU B 409 5.73 23.04 -29.92
C LEU B 409 6.04 22.98 -28.43
N ALA B 410 6.42 24.13 -27.84
CA ALA B 410 6.68 24.17 -26.40
C ALA B 410 5.43 23.85 -25.60
N PHE B 411 4.28 24.40 -26.01
CA PHE B 411 3.03 24.12 -25.32
C PHE B 411 2.67 22.64 -25.42
N PHE B 412 2.89 22.04 -26.60
CA PHE B 412 2.60 20.63 -26.79
C PHE B 412 3.54 19.77 -25.96
N ASN B 413 4.79 20.20 -25.77
CA ASN B 413 5.67 19.53 -24.82
C ASN B 413 5.11 19.61 -23.41
N SER B 414 4.63 20.80 -23.02
CA SER B 414 4.06 20.96 -21.69
C SER B 414 2.87 20.03 -21.49
N CYS B 415 2.06 19.85 -22.52
CA CYS B 415 0.90 18.97 -22.39
C CYS B 415 1.29 17.49 -22.43
N LEU B 416 2.34 17.12 -23.16
CA LEU B 416 2.76 15.72 -23.18
C LEU B 416 3.59 15.34 -21.97
N ASN B 417 4.05 16.31 -21.18
CA ASN B 417 4.87 16.01 -20.01
C ASN B 417 4.26 14.94 -19.10
N PRO B 418 2.96 14.97 -18.76
CA PRO B 418 2.40 13.83 -18.02
C PRO B 418 2.47 12.51 -18.76
N MET B 419 2.36 12.53 -20.09
CA MET B 419 2.36 11.28 -20.85
C MET B 419 3.71 10.57 -20.75
N LEU B 420 4.80 11.32 -20.86
CA LEU B 420 6.14 10.72 -20.77
C LEU B 420 6.70 10.71 -19.35
N TYR B 421 6.03 11.34 -18.40
CA TYR B 421 6.52 11.43 -17.03
C TYR B 421 5.68 10.68 -16.02
N VAL B 422 4.37 10.53 -16.27
CA VAL B 422 3.47 9.87 -15.34
C VAL B 422 2.88 8.60 -15.94
N PHE B 423 2.48 8.63 -17.21
CA PHE B 423 1.86 7.48 -17.84
C PHE B 423 2.81 6.31 -18.01
N VAL B 424 4.12 6.52 -17.84
CA VAL B 424 5.09 5.44 -18.01
C VAL B 424 5.18 4.52 -16.80
N GLY B 425 4.50 4.84 -15.71
CA GLY B 425 4.54 4.01 -14.52
C GLY B 425 3.46 2.94 -14.56
N GLN B 426 3.86 1.71 -14.25
CA GLN B 426 2.90 0.61 -14.23
C GLN B 426 1.87 0.80 -13.13
N ASP B 427 2.31 1.25 -11.95
CA ASP B 427 1.38 1.44 -10.84
C ASP B 427 0.34 2.50 -11.17
N PHE B 428 0.75 3.59 -11.82
CA PHE B 428 -0.20 4.64 -12.17
C PHE B 428 -1.25 4.15 -13.15
N ARG B 429 -0.84 3.40 -14.16
CA ARG B 429 -1.81 2.87 -15.12
C ARG B 429 -2.73 1.83 -14.46
N GLU B 430 -2.18 1.02 -13.55
CA GLU B 430 -3.02 0.08 -12.81
C GLU B 430 -4.07 0.80 -11.99
N ARG B 431 -3.68 1.87 -11.29
CA ARG B 431 -4.64 2.63 -10.51
C ARG B 431 -5.67 3.30 -11.41
N LEU B 432 -5.24 3.81 -12.57
CA LEU B 432 -6.16 4.46 -13.50
C LEU B 432 -7.20 3.47 -14.01
N ILE B 433 -6.77 2.26 -14.40
CA ILE B 433 -7.72 1.29 -14.92
C ILE B 433 -8.60 0.75 -13.80
N HIS B 434 -8.09 0.69 -12.56
CA HIS B 434 -8.90 0.23 -11.45
C HIS B 434 -9.96 1.25 -11.07
N SER B 435 -9.63 2.54 -11.18
CA SER B 435 -10.55 3.60 -10.79
C SER B 435 -11.65 3.85 -11.82
N LEU B 436 -11.53 3.31 -13.03
CA LEU B 436 -12.55 3.49 -14.05
C LEU B 436 -13.41 2.24 -14.19
N VAL C 5 -18.38 20.28 24.66
CA VAL C 5 -18.63 20.96 23.40
C VAL C 5 -17.32 21.20 22.66
N SER C 6 -17.14 22.41 22.14
CA SER C 6 -15.92 22.75 21.41
C SER C 6 -14.71 22.82 22.33
N ALA C 7 -14.91 23.00 23.64
CA ALA C 7 -13.78 23.05 24.55
C ALA C 7 -13.04 21.73 24.60
N GLU C 8 -13.76 20.61 24.62
CA GLU C 8 -13.13 19.30 24.63
C GLU C 8 -12.86 18.77 23.22
N ASP C 9 -13.67 19.16 22.24
CA ASP C 9 -13.44 18.72 20.88
C ASP C 9 -12.13 19.27 20.33
N LYS C 10 -11.82 20.53 20.64
CA LYS C 10 -10.57 21.12 20.17
C LYS C 10 -9.36 20.43 20.80
N ALA C 11 -9.46 20.07 22.08
CA ALA C 11 -8.35 19.38 22.75
C ALA C 11 -8.10 18.02 22.12
N ALA C 12 -9.17 17.30 21.78
CA ALA C 12 -9.01 16.00 21.11
C ALA C 12 -8.40 16.18 19.73
N ALA C 13 -8.81 17.22 19.00
CA ALA C 13 -8.26 17.47 17.67
C ALA C 13 -6.77 17.79 17.75
N GLU C 14 -6.35 18.58 18.75
CA GLU C 14 -4.94 18.89 18.92
C GLU C 14 -4.13 17.64 19.23
N ARG C 15 -4.67 16.77 20.09
CA ARG C 15 -3.99 15.51 20.40
C ARG C 15 -3.88 14.63 19.17
N SER C 16 -4.94 14.56 18.37
CA SER C 16 -4.90 13.78 17.13
C SER C 16 -3.88 14.35 16.16
N LYS C 17 -3.83 15.68 16.03
CA LYS C 17 -2.84 16.31 15.16
C LYS C 17 -1.42 16.04 15.65
N MET C 18 -1.21 16.13 16.96
CA MET C 18 0.11 15.81 17.51
C MET C 18 0.45 14.35 17.31
N ILE C 19 -0.54 13.47 17.49
CA ILE C 19 -0.32 12.04 17.24
C ILE C 19 -0.04 11.80 15.76
N ASP C 20 -0.81 12.44 14.88
CA ASP C 20 -0.59 12.28 13.45
C ASP C 20 0.80 12.77 13.04
N LYS C 21 1.27 13.85 13.68
CA LYS C 21 2.63 14.31 13.43
C LYS C 21 3.64 13.26 13.86
N ASN C 22 3.42 12.63 15.02
CA ASN C 22 4.30 11.56 15.47
C ASN C 22 4.24 10.36 14.52
N LEU C 23 3.04 10.03 14.03
CA LEU C 23 2.90 8.91 13.11
C LEU C 23 3.67 9.16 11.81
N ARG C 24 3.59 10.38 11.28
CA ARG C 24 4.35 10.70 10.08
C ARG C 24 5.85 10.64 10.33
N GLU C 25 6.31 11.17 11.47
CA GLU C 25 7.72 11.10 11.80
C GLU C 25 8.16 9.67 12.03
N ASP C 26 7.40 8.90 12.81
CA ASP C 26 7.76 7.50 13.06
C ASP C 26 7.69 6.68 11.78
N GLY C 27 6.71 6.95 10.93
CA GLY C 27 6.65 6.28 9.65
C GLY C 27 7.83 6.61 8.75
N GLU C 28 8.22 7.88 8.71
CA GLU C 28 9.38 8.28 7.92
C GLU C 28 10.66 7.66 8.48
N LYS C 29 10.80 7.63 9.81
CA LYS C 29 11.96 7.01 10.42
C LYS C 29 12.02 5.52 10.11
N ALA C 30 10.87 4.85 10.14
CA ALA C 30 10.81 3.44 9.83
C ALA C 30 10.93 3.15 8.34
N ALA C 31 10.88 4.17 7.49
CA ALA C 31 10.90 3.97 6.04
C ALA C 31 12.31 3.90 5.45
N ARG C 32 13.35 4.25 6.20
CA ARG C 32 14.70 4.25 5.67
C ARG C 32 15.48 2.98 6.00
N GLU C 33 14.87 2.01 6.67
CA GLU C 33 15.52 0.75 6.97
C GLU C 33 15.18 -0.29 5.92
N VAL C 34 16.17 -1.09 5.55
CA VAL C 34 16.01 -2.15 4.56
C VAL C 34 15.50 -3.40 5.28
N LYS C 35 14.32 -3.87 4.89
CA LYS C 35 13.71 -5.03 5.52
C LYS C 35 14.08 -6.28 4.74
N LEU C 36 14.74 -7.23 5.41
CA LEU C 36 15.18 -8.48 4.80
C LEU C 36 14.59 -9.65 5.55
N LEU C 37 14.14 -10.66 4.80
CA LEU C 37 13.54 -11.86 5.37
C LEU C 37 14.51 -13.02 5.19
N LEU C 38 14.73 -13.77 6.27
CA LEU C 38 15.67 -14.90 6.26
C LEU C 38 14.89 -16.20 6.18
N LEU C 39 15.32 -17.08 5.28
CA LEU C 39 14.70 -18.38 5.09
C LEU C 39 15.78 -19.43 4.88
N GLY C 40 15.45 -20.67 5.22
CA GLY C 40 16.38 -21.77 5.08
C GLY C 40 16.28 -22.79 6.20
N SER C 44 21.09 -24.31 8.65
CA SER C 44 21.69 -24.28 7.32
C SER C 44 22.52 -23.03 7.12
N GLY C 45 23.25 -22.64 8.16
CA GLY C 45 24.10 -21.47 8.11
C GLY C 45 23.41 -20.15 8.34
N LYS C 46 22.11 -20.15 8.67
CA LYS C 46 21.41 -18.90 8.93
C LYS C 46 21.97 -18.19 10.15
N ASN C 47 22.32 -18.95 11.19
CA ASN C 47 22.90 -18.35 12.39
C ASN C 47 24.26 -17.72 12.11
N THR C 48 25.05 -18.32 11.22
CA THR C 48 26.35 -17.77 10.88
C THR C 48 26.20 -16.40 10.22
N ILE C 49 25.22 -16.24 9.34
CA ILE C 49 25.01 -14.96 8.65
C ILE C 49 24.67 -13.87 9.66
N VAL C 50 23.77 -14.16 10.60
CA VAL C 50 23.35 -13.16 11.57
C VAL C 50 24.50 -12.80 12.51
N LYS C 51 25.26 -13.79 12.96
CA LYS C 51 26.31 -13.55 13.95
C LYS C 51 27.41 -12.66 13.40
N GLN C 52 27.79 -12.85 12.13
CA GLN C 52 28.91 -12.12 11.55
C GLN C 52 28.57 -10.67 11.21
N MET C 53 27.30 -10.26 11.31
CA MET C 53 26.91 -8.90 10.99
C MET C 53 25.98 -8.32 12.06
N LYS C 54 26.10 -8.80 13.29
CA LYS C 54 25.29 -8.29 14.40
C LYS C 54 25.98 -7.06 14.99
N ILE C 55 26.01 -6.00 14.19
CA ILE C 55 26.64 -4.74 14.60
C ILE C 55 25.88 -4.13 15.78
N ILE C 56 24.56 -4.11 15.70
CA ILE C 56 23.75 -3.54 16.77
C ILE C 56 22.56 -4.45 17.07
N GLY C 184 9.84 -16.28 19.23
CA GLY C 184 9.08 -15.57 18.23
C GLY C 184 9.83 -15.39 16.92
N ILE C 185 10.03 -14.13 16.52
CA ILE C 185 10.77 -13.79 15.32
C ILE C 185 12.02 -13.03 15.72
N VAL C 186 13.17 -13.48 15.21
CA VAL C 186 14.45 -12.86 15.54
C VAL C 186 14.62 -11.61 14.70
N GLU C 187 14.69 -10.45 15.36
CA GLU C 187 14.84 -9.17 14.70
C GLU C 187 16.16 -8.53 15.11
N THR C 188 17.00 -8.23 14.13
CA THR C 188 18.28 -7.59 14.37
C THR C 188 18.42 -6.38 13.45
N HIS C 189 19.09 -5.35 13.95
CA HIS C 189 19.27 -4.10 13.21
C HIS C 189 20.74 -3.75 13.18
N PHE C 190 21.27 -3.49 11.98
CA PHE C 190 22.65 -3.08 11.82
C PHE C 190 22.73 -2.05 10.70
N THR C 191 23.71 -1.16 10.80
CA THR C 191 23.92 -0.09 9.83
C THR C 191 25.26 -0.29 9.15
N PHE C 192 25.24 -0.38 7.82
CA PHE C 192 26.46 -0.53 7.02
C PHE C 192 26.46 0.51 5.92
N LYS C 193 27.54 1.28 5.85
CA LYS C 193 27.70 2.32 4.83
C LYS C 193 26.52 3.29 4.83
N ASP C 194 26.13 3.72 6.03
CA ASP C 194 25.03 4.65 6.29
C ASP C 194 23.67 4.09 5.94
N LEU C 195 23.55 2.82 5.57
CA LEU C 195 22.28 2.19 5.25
C LEU C 195 21.86 1.30 6.41
N HIS C 196 20.64 1.51 6.90
CA HIS C 196 20.11 0.74 8.01
C HIS C 196 19.38 -0.49 7.48
N PHE C 197 19.63 -1.64 8.11
CA PHE C 197 19.02 -2.90 7.71
C PHE C 197 18.21 -3.48 8.86
N LYS C 198 17.14 -4.20 8.52
CA LYS C 198 16.29 -4.89 9.48
C LYS C 198 16.17 -6.34 9.02
N MET C 199 17.03 -7.20 9.54
CA MET C 199 17.04 -8.61 9.18
C MET C 199 16.10 -9.38 10.11
N PHE C 200 15.14 -10.09 9.52
CA PHE C 200 14.15 -10.85 10.27
C PHE C 200 14.34 -12.33 10.00
N ASP C 201 14.50 -13.10 11.09
CA ASP C 201 14.65 -14.55 11.01
C ASP C 201 13.38 -15.21 11.52
N VAL C 202 12.81 -16.09 10.70
CA VAL C 202 11.57 -16.77 11.04
C VAL C 202 11.84 -18.25 11.24
N GLY C 203 13.06 -18.58 11.65
CA GLY C 203 13.40 -19.98 11.89
C GLY C 203 12.59 -20.60 13.01
N ALA C 204 12.35 -19.85 14.08
CA ALA C 204 11.59 -20.34 15.23
C ALA C 204 10.09 -20.16 15.03
N GLN C 205 9.57 -20.67 13.91
CA GLN C 205 8.15 -20.60 13.59
C GLN C 205 7.75 -21.96 13.01
N ARG C 206 7.31 -22.87 13.87
CA ARG C 206 6.91 -24.21 13.46
C ARG C 206 5.41 -24.25 13.16
N SER C 207 5.00 -23.40 12.22
CA SER C 207 3.62 -23.30 11.81
C SER C 207 3.54 -23.23 10.30
N GLU C 208 2.34 -23.04 9.77
CA GLU C 208 2.16 -22.94 8.33
C GLU C 208 2.75 -21.63 7.82
N ARG C 209 3.64 -21.73 6.84
CA ARG C 209 4.31 -20.55 6.32
C ARG C 209 3.33 -19.59 5.64
N LYS C 210 2.40 -20.13 4.85
CA LYS C 210 1.51 -19.29 4.05
C LYS C 210 0.57 -18.45 4.90
N LYS C 211 0.41 -18.77 6.18
CA LYS C 211 -0.44 -17.97 7.05
C LYS C 211 0.21 -16.65 7.44
N TRP C 212 1.55 -16.61 7.52
CA TRP C 212 2.25 -15.40 7.91
C TRP C 212 3.28 -14.92 6.89
N ILE C 213 3.47 -15.66 5.79
CA ILE C 213 4.44 -15.22 4.79
C ILE C 213 3.97 -13.97 4.05
N HIS C 214 2.66 -13.68 4.07
CA HIS C 214 2.16 -12.47 3.44
C HIS C 214 2.45 -11.23 4.27
N CYS C 215 2.81 -11.38 5.54
CA CYS C 215 3.17 -10.24 6.37
C CYS C 215 4.44 -9.55 5.90
N PHE C 216 5.31 -10.27 5.21
CA PHE C 216 6.57 -9.72 4.72
C PHE C 216 6.47 -9.19 3.29
N GLU C 217 5.25 -9.09 2.75
CA GLU C 217 5.07 -8.51 1.42
C GLU C 217 5.53 -7.06 1.43
N GLY C 218 6.56 -6.76 0.63
CA GLY C 218 7.14 -5.43 0.58
C GLY C 218 8.56 -5.33 1.08
N VAL C 219 9.17 -6.45 1.49
CA VAL C 219 10.56 -6.42 1.91
C VAL C 219 11.45 -6.12 0.71
N THR C 220 12.58 -5.46 0.97
CA THR C 220 13.50 -5.11 -0.10
C THR C 220 14.07 -6.36 -0.76
N ALA C 221 14.48 -7.34 0.04
CA ALA C 221 15.06 -8.56 -0.50
C ALA C 221 14.89 -9.67 0.52
N ILE C 222 15.08 -10.90 0.05
CA ILE C 222 14.99 -12.10 0.88
C ILE C 222 16.37 -12.73 0.94
N ILE C 223 16.87 -12.95 2.17
CA ILE C 223 18.17 -13.56 2.37
C ILE C 223 17.93 -15.06 2.58
N PHE C 224 18.18 -15.84 1.54
CA PHE C 224 18.02 -17.28 1.58
C PHE C 224 19.37 -17.94 1.81
N CYS C 225 19.44 -18.84 2.80
CA CYS C 225 20.67 -19.51 3.15
C CYS C 225 20.57 -20.99 2.80
N VAL C 226 21.53 -21.48 2.03
CA VAL C 226 21.59 -22.88 1.63
C VAL C 226 22.94 -23.44 2.05
N ALA C 227 22.93 -24.58 2.74
CA ALA C 227 24.16 -25.23 3.15
C ALA C 227 24.71 -26.05 1.99
N LEU C 228 25.92 -25.70 1.54
CA LEU C 228 26.52 -26.41 0.41
C LEU C 228 26.81 -27.87 0.74
N SER C 229 27.28 -28.13 1.96
CA SER C 229 27.64 -29.47 2.38
C SER C 229 26.44 -30.30 2.82
N ALA C 230 25.23 -29.81 2.62
CA ALA C 230 24.02 -30.52 3.02
C ALA C 230 23.47 -31.43 1.92
N TYR C 231 24.12 -31.51 0.77
CA TYR C 231 23.64 -32.37 -0.29
C TYR C 231 23.72 -33.84 0.10
N ASP C 232 24.80 -34.24 0.78
CA ASP C 232 24.92 -35.62 1.23
C ASP C 232 24.07 -35.90 2.45
N LEU C 233 23.88 -34.91 3.32
CA LEU C 233 23.08 -35.10 4.53
C LEU C 233 21.61 -35.34 4.17
N VAL C 234 20.96 -36.19 4.96
CA VAL C 234 19.55 -36.52 4.73
C VAL C 234 18.70 -35.93 5.84
N MET C 241 14.11 -38.36 2.31
CA MET C 241 14.04 -36.97 1.90
C MET C 241 15.40 -36.28 2.04
N ASN C 242 16.01 -35.95 0.91
CA ASN C 242 17.31 -35.30 0.92
C ASN C 242 17.19 -33.89 1.48
N ARG C 243 18.19 -33.50 2.29
CA ARG C 243 18.19 -32.16 2.88
C ARG C 243 18.32 -31.09 1.80
N MET C 244 19.17 -31.32 0.79
CA MET C 244 19.34 -30.35 -0.28
C MET C 244 18.06 -30.17 -1.08
N HIS C 245 17.34 -31.27 -1.36
CA HIS C 245 16.08 -31.17 -2.07
C HIS C 245 15.04 -30.42 -1.24
N ALA C 246 15.09 -30.53 0.08
CA ALA C 246 14.20 -29.76 0.93
C ALA C 246 14.48 -28.26 0.80
N SER C 247 15.75 -27.89 0.71
CA SER C 247 16.09 -26.49 0.51
C SER C 247 15.60 -25.99 -0.85
N MET C 248 15.74 -26.82 -1.89
CA MET C 248 15.24 -26.46 -3.21
C MET C 248 13.72 -26.32 -3.19
N LYS C 249 13.02 -27.21 -2.49
CA LYS C 249 11.58 -27.11 -2.37
C LYS C 249 11.19 -25.83 -1.64
N LEU C 250 11.90 -25.50 -0.57
CA LEU C 250 11.66 -24.24 0.13
C LEU C 250 11.99 -23.04 -0.75
N PHE C 251 13.08 -23.13 -1.52
CA PHE C 251 13.45 -22.05 -2.43
C PHE C 251 12.38 -21.85 -3.50
N ASP C 252 11.86 -22.94 -4.06
CA ASP C 252 10.81 -22.82 -5.06
C ASP C 252 9.50 -22.33 -4.46
N SER C 253 9.29 -22.58 -3.16
CA SER C 253 8.05 -22.16 -2.51
C SER C 253 7.94 -20.64 -2.39
N ILE C 254 9.07 -19.93 -2.44
CA ILE C 254 9.05 -18.48 -2.33
C ILE C 254 9.29 -17.79 -3.68
N CYS C 255 9.99 -18.45 -4.60
CA CYS C 255 10.16 -17.87 -5.93
C CYS C 255 8.84 -17.75 -6.66
N ASN C 256 7.99 -18.77 -6.56
CA ASN C 256 6.67 -18.77 -7.17
C ASN C 256 5.60 -18.19 -6.25
N ASN C 257 5.97 -17.72 -5.08
CA ASN C 257 5.00 -17.13 -4.16
C ASN C 257 4.46 -15.82 -4.73
N LYS C 258 3.14 -15.63 -4.57
CA LYS C 258 2.50 -14.43 -5.08
C LYS C 258 2.92 -13.18 -4.32
N TRP C 259 3.36 -13.32 -3.08
CA TRP C 259 3.76 -12.17 -2.28
C TRP C 259 5.16 -11.67 -2.58
N PHE C 260 5.97 -12.45 -3.29
CA PHE C 260 7.35 -12.09 -3.60
C PHE C 260 7.61 -12.21 -5.10
N THR C 261 6.62 -11.84 -5.92
CA THR C 261 6.82 -11.87 -7.37
C THR C 261 7.89 -10.88 -7.80
N ASP C 262 7.87 -9.67 -7.24
CA ASP C 262 8.84 -8.64 -7.56
C ASP C 262 9.91 -8.48 -6.48
N THR C 263 9.96 -9.37 -5.52
CA THR C 263 10.93 -9.29 -4.43
C THR C 263 12.15 -10.15 -4.77
N SER C 264 13.32 -9.53 -4.78
CA SER C 264 14.55 -10.24 -5.09
C SER C 264 14.94 -11.18 -3.94
N ILE C 265 15.79 -12.14 -4.26
CA ILE C 265 16.29 -13.11 -3.29
C ILE C 265 17.82 -13.04 -3.30
N ILE C 266 18.40 -12.79 -2.13
CA ILE C 266 19.85 -12.73 -1.97
C ILE C 266 20.28 -14.10 -1.47
N LEU C 267 20.65 -14.97 -2.41
CA LEU C 267 21.01 -16.34 -2.07
C LEU C 267 22.44 -16.42 -1.53
N PHE C 268 22.60 -17.17 -0.44
CA PHE C 268 23.92 -17.45 0.12
C PHE C 268 24.14 -18.95 0.18
N LEU C 269 25.29 -19.40 -0.30
CA LEU C 269 25.70 -20.80 -0.20
C LEU C 269 26.68 -20.90 0.96
N ASN C 270 26.19 -21.37 2.10
CA ASN C 270 26.97 -21.35 3.33
C ASN C 270 27.90 -22.56 3.39
N LYS C 271 28.79 -22.53 4.39
CA LYS C 271 29.78 -23.56 4.68
C LYS C 271 30.40 -24.13 3.40
N LYS C 272 30.98 -23.23 2.60
CA LYS C 272 31.68 -23.66 1.40
C LYS C 272 33.02 -24.31 1.72
N ASP C 273 33.60 -24.01 2.89
CA ASP C 273 34.86 -24.64 3.28
C ASP C 273 34.67 -26.14 3.51
N LEU C 274 33.54 -26.53 4.12
CA LEU C 274 33.28 -27.95 4.30
C LEU C 274 32.86 -28.61 3.00
N PHE C 275 32.30 -27.83 2.06
CA PHE C 275 31.83 -28.40 0.80
C PHE C 275 32.98 -28.86 -0.08
N GLU C 276 34.07 -28.09 -0.13
CA GLU C 276 35.21 -28.46 -0.97
C GLU C 276 35.88 -29.73 -0.48
N GLU C 277 35.87 -29.97 0.83
CA GLU C 277 36.40 -31.22 1.38
C GLU C 277 35.38 -32.35 1.34
N LYS C 278 34.13 -32.07 0.97
CA LYS C 278 33.09 -33.07 0.89
C LYS C 278 32.75 -33.47 -0.54
N ILE C 279 32.97 -32.58 -1.51
CA ILE C 279 32.62 -32.89 -2.90
C ILE C 279 33.52 -34.00 -3.44
N THR C 280 34.81 -33.98 -3.07
CA THR C 280 35.73 -35.01 -3.54
C THR C 280 35.35 -36.38 -2.99
N HIS C 281 35.06 -36.47 -1.69
CA HIS C 281 34.71 -37.75 -1.09
C HIS C 281 33.29 -38.16 -1.47
N SER C 282 32.34 -37.23 -1.44
CA SER C 282 30.95 -37.51 -1.75
C SER C 282 30.57 -36.87 -3.07
N PRO C 283 30.34 -37.63 -4.13
CA PRO C 283 29.95 -37.03 -5.41
C PRO C 283 28.54 -36.46 -5.37
N LEU C 284 28.29 -35.49 -6.26
CA LEU C 284 26.99 -34.86 -6.37
C LEU C 284 25.94 -35.78 -6.98
N THR C 285 26.34 -36.95 -7.50
CA THR C 285 25.37 -37.87 -8.09
C THR C 285 24.35 -38.35 -7.07
N ILE C 286 24.75 -38.43 -5.80
CA ILE C 286 23.81 -38.85 -4.75
C ILE C 286 22.67 -37.85 -4.62
N CYS C 287 22.99 -36.55 -4.66
CA CYS C 287 21.97 -35.51 -4.54
C CYS C 287 21.37 -35.15 -5.89
N PHE C 288 22.21 -34.95 -6.90
CA PHE C 288 21.75 -34.62 -8.26
C PHE C 288 22.15 -35.73 -9.22
N PRO C 289 21.24 -36.64 -9.55
CA PRO C 289 21.58 -37.71 -10.51
C PRO C 289 21.95 -37.18 -11.88
N GLU C 290 21.36 -36.08 -12.32
CA GLU C 290 21.62 -35.52 -13.64
C GLU C 290 22.83 -34.59 -13.61
N TYR C 291 23.96 -35.16 -13.19
CA TYR C 291 25.23 -34.45 -13.13
C TYR C 291 26.27 -35.21 -13.94
N THR C 292 27.06 -34.46 -14.72
CA THR C 292 28.08 -35.05 -15.56
C THR C 292 29.48 -34.46 -15.36
N GLY C 293 29.62 -33.38 -14.61
CA GLY C 293 30.92 -32.79 -14.39
C GLY C 293 31.72 -33.51 -13.32
N ALA C 294 32.99 -33.12 -13.23
CA ALA C 294 33.88 -33.72 -12.24
C ALA C 294 33.53 -33.19 -10.84
N ASN C 295 33.93 -33.98 -9.83
CA ASN C 295 33.65 -33.64 -8.43
C ASN C 295 34.73 -32.67 -7.94
N LYS C 296 34.64 -31.45 -8.45
CA LYS C 296 35.56 -30.38 -8.07
C LYS C 296 34.75 -29.17 -7.63
N TYR C 297 35.23 -28.50 -6.57
CA TYR C 297 34.52 -27.35 -6.02
C TYR C 297 34.41 -26.20 -7.01
N ASP C 298 35.31 -26.12 -7.98
CA ASP C 298 35.29 -25.01 -8.94
C ASP C 298 34.01 -25.02 -9.76
N GLU C 299 33.57 -26.20 -10.21
CA GLU C 299 32.38 -26.31 -11.05
C GLU C 299 31.17 -26.89 -10.34
N ALA C 300 31.36 -27.69 -9.29
CA ALA C 300 30.21 -28.21 -8.55
C ALA C 300 29.45 -27.08 -7.86
N ALA C 301 30.16 -26.12 -7.29
CA ALA C 301 29.49 -24.98 -6.67
C ALA C 301 28.73 -24.15 -7.71
N SER C 302 29.32 -23.96 -8.89
CA SER C 302 28.63 -23.23 -9.94
C SER C 302 27.39 -23.97 -10.41
N TYR C 303 27.49 -25.30 -10.54
CA TYR C 303 26.33 -26.09 -10.93
C TYR C 303 25.22 -26.00 -9.88
N ILE C 304 25.60 -26.06 -8.59
CA ILE C 304 24.62 -25.90 -7.53
C ILE C 304 24.00 -24.52 -7.56
N GLN C 305 24.83 -23.48 -7.75
CA GLN C 305 24.32 -22.12 -7.85
C GLN C 305 23.39 -21.96 -9.05
N SER C 306 23.77 -22.54 -10.20
CA SER C 306 22.92 -22.46 -11.37
C SER C 306 21.64 -23.25 -11.20
N LYS C 307 21.67 -24.32 -10.41
CA LYS C 307 20.47 -25.12 -10.17
C LYS C 307 19.41 -24.31 -9.45
N PHE C 308 19.81 -23.52 -8.44
CA PHE C 308 18.85 -22.68 -7.72
C PHE C 308 18.35 -21.55 -8.59
N GLU C 309 19.25 -20.93 -9.37
CA GLU C 309 18.84 -19.83 -10.24
C GLU C 309 17.86 -20.29 -11.31
N ASP C 310 18.10 -21.46 -11.91
CA ASP C 310 17.20 -21.98 -12.92
C ASP C 310 15.86 -22.42 -12.33
N LEU C 311 15.81 -22.64 -11.02
CA LEU C 311 14.56 -23.04 -10.38
C LEU C 311 13.55 -21.89 -10.32
N ASN C 312 14.02 -20.66 -10.38
CA ASN C 312 13.14 -19.49 -10.31
C ASN C 312 12.47 -19.30 -11.66
N LYS C 313 11.15 -19.49 -11.70
CA LYS C 313 10.37 -19.30 -12.92
C LYS C 313 9.96 -17.85 -13.14
N ARG C 314 10.16 -16.97 -12.16
CA ARG C 314 9.80 -15.56 -12.29
C ARG C 314 10.97 -14.77 -12.89
N LYS C 315 11.33 -15.14 -14.11
CA LYS C 315 12.41 -14.47 -14.80
C LYS C 315 11.95 -13.12 -15.37
N ASP C 316 12.93 -12.25 -15.60
CA ASP C 316 12.78 -10.92 -16.18
C ASP C 316 12.04 -9.94 -15.28
N THR C 317 11.58 -10.37 -14.09
CA THR C 317 10.94 -9.47 -13.13
C THR C 317 11.71 -9.31 -11.84
N LYS C 318 12.64 -10.22 -11.52
CA LYS C 318 13.45 -10.10 -10.32
C LYS C 318 14.79 -10.79 -10.56
N GLU C 319 15.79 -10.39 -9.79
CA GLU C 319 17.14 -10.91 -9.92
C GLU C 319 17.55 -11.60 -8.63
N ILE C 320 18.18 -12.77 -8.78
CA ILE C 320 18.67 -13.54 -7.65
C ILE C 320 20.17 -13.30 -7.52
N TYR C 321 20.58 -12.76 -6.38
CA TYR C 321 21.98 -12.45 -6.11
C TYR C 321 22.58 -13.60 -5.32
N THR C 322 23.46 -14.37 -5.96
CA THR C 322 24.06 -15.55 -5.37
C THR C 322 25.47 -15.24 -4.89
N HIS C 323 25.80 -15.72 -3.69
CA HIS C 323 27.12 -15.52 -3.11
C HIS C 323 27.50 -16.74 -2.29
N PHE C 324 28.79 -16.90 -2.07
CA PHE C 324 29.33 -17.98 -1.25
C PHE C 324 29.87 -17.40 0.05
N THR C 325 29.42 -17.96 1.17
CA THR C 325 29.84 -17.45 2.47
C THR C 325 31.33 -17.66 2.69
N CYS C 326 32.01 -16.62 3.16
CA CYS C 326 33.44 -16.67 3.41
C CYS C 326 33.73 -16.13 4.81
N SER C 327 34.78 -16.64 5.42
CA SER C 327 35.17 -16.20 6.76
C SER C 327 35.87 -14.85 6.75
N THR C 328 36.22 -14.32 5.58
CA THR C 328 36.90 -13.04 5.51
C THR C 328 35.93 -11.91 5.86
N ASP C 329 36.45 -10.87 6.50
CA ASP C 329 35.63 -9.78 7.01
C ASP C 329 35.09 -8.91 5.88
N THR C 330 34.01 -8.20 6.20
CA THR C 330 33.36 -7.19 5.35
C THR C 330 33.31 -7.60 3.88
N LYS C 331 32.89 -8.83 3.64
CA LYS C 331 32.56 -9.29 2.29
C LYS C 331 31.19 -9.92 2.17
N ASN C 332 30.70 -10.62 3.19
CA ASN C 332 29.30 -11.03 3.19
C ASN C 332 28.38 -9.86 3.42
N VAL C 333 28.79 -8.91 4.27
CA VAL C 333 28.01 -7.70 4.49
C VAL C 333 28.04 -6.82 3.25
N GLN C 334 29.20 -6.74 2.59
CA GLN C 334 29.31 -5.92 1.39
C GLN C 334 28.42 -6.45 0.27
N PHE C 335 28.33 -7.78 0.13
CA PHE C 335 27.44 -8.35 -0.87
C PHE C 335 25.99 -8.01 -0.58
N VAL C 336 25.60 -8.04 0.70
CA VAL C 336 24.25 -7.64 1.09
C VAL C 336 24.01 -6.18 0.71
N PHE C 337 24.97 -5.32 1.03
CA PHE C 337 24.85 -3.91 0.67
C PHE C 337 24.83 -3.73 -0.85
N ASP C 338 25.70 -4.46 -1.57
CA ASP C 338 25.72 -4.34 -3.02
C ASP C 338 24.43 -4.84 -3.65
N ALA C 339 23.92 -5.98 -3.18
CA ALA C 339 22.68 -6.52 -3.74
C ALA C 339 21.49 -5.63 -3.40
N VAL C 340 21.41 -5.15 -2.16
CA VAL C 340 20.31 -4.27 -1.76
C VAL C 340 20.38 -2.96 -2.54
N THR C 341 21.59 -2.45 -2.78
CA THR C 341 21.74 -1.22 -3.54
C THR C 341 21.16 -1.36 -4.94
N ASP C 342 21.44 -2.49 -5.60
CA ASP C 342 20.87 -2.73 -6.92
C ASP C 342 19.35 -2.86 -6.86
N VAL C 343 18.83 -3.48 -5.80
CA VAL C 343 17.39 -3.62 -5.66
C VAL C 343 16.74 -2.26 -5.43
N ILE C 344 17.40 -1.39 -4.68
CA ILE C 344 16.88 -0.05 -4.47
C ILE C 344 16.78 0.70 -5.80
N ILE C 345 17.74 0.48 -6.68
CA ILE C 345 17.67 1.05 -8.02
C ILE C 345 16.44 0.54 -8.75
N LYS C 346 16.19 -0.77 -8.67
CA LYS C 346 15.01 -1.33 -9.33
C LYS C 346 13.72 -0.78 -8.74
N ASN C 347 13.64 -0.69 -7.41
CA ASN C 347 12.44 -0.14 -6.79
C ASN C 347 12.24 1.32 -7.14
N ASN C 348 13.32 2.11 -7.13
CA ASN C 348 13.21 3.51 -7.49
C ASN C 348 12.80 3.70 -8.94
N LEU C 349 13.38 2.91 -9.84
CA LEU C 349 13.06 3.06 -11.27
C LEU C 349 11.66 2.56 -11.57
N LYS C 350 11.21 1.50 -10.91
CA LYS C 350 9.85 1.02 -11.11
C LYS C 350 8.84 2.07 -10.65
N ASP C 351 9.09 2.70 -9.50
CA ASP C 351 8.28 3.84 -9.09
C ASP C 351 8.44 5.00 -10.07
N CYS C 352 9.68 5.23 -10.53
CA CYS C 352 9.93 6.28 -11.50
C CYS C 352 9.20 6.02 -12.81
N GLY C 353 9.19 4.77 -13.26
CA GLY C 353 8.52 4.38 -14.49
C GLY C 353 9.45 3.87 -15.58
N LEU C 354 10.77 3.96 -15.41
CA LEU C 354 11.67 3.42 -16.42
C LEU C 354 11.55 1.90 -16.53
N PHE C 355 11.46 1.22 -15.40
CA PHE C 355 11.33 -0.24 -15.40
C PHE C 355 9.86 -0.66 -15.40
N GLU D 14 -3.20 -52.44 19.28
CA GLU D 14 -3.70 -51.64 20.38
C GLU D 14 -3.92 -50.19 19.93
N LEU D 15 -2.82 -49.52 19.56
CA LEU D 15 -2.92 -48.13 19.12
C LEU D 15 -3.75 -48.01 17.85
N ASP D 16 -3.53 -48.92 16.90
CA ASP D 16 -4.30 -48.87 15.65
C ASP D 16 -5.76 -49.24 15.89
N GLN D 17 -6.01 -50.24 16.74
CA GLN D 17 -7.39 -50.64 17.03
C GLN D 17 -8.14 -49.53 17.78
N LEU D 18 -7.47 -48.87 18.73
CA LEU D 18 -8.10 -47.77 19.45
C LEU D 18 -8.40 -46.60 18.52
N ARG D 19 -7.48 -46.31 17.59
CA ARG D 19 -7.72 -45.24 16.62
C ARG D 19 -8.87 -45.59 15.69
N GLN D 20 -9.00 -46.87 15.33
CA GLN D 20 -10.11 -47.29 14.47
C GLN D 20 -11.46 -47.09 15.16
N GLU D 21 -11.50 -47.30 16.48
CA GLU D 21 -12.74 -47.08 17.21
C GLU D 21 -13.19 -45.63 17.15
N ALA D 22 -12.23 -44.70 17.14
CA ALA D 22 -12.58 -43.29 17.02
C ALA D 22 -13.26 -43.00 15.68
N GLU D 23 -12.78 -43.64 14.60
CA GLU D 23 -13.43 -43.47 13.30
C GLU D 23 -14.86 -43.99 13.34
N GLN D 24 -15.08 -45.15 13.97
CA GLN D 24 -16.43 -45.67 14.12
C GLN D 24 -17.28 -44.73 14.97
N LEU D 25 -16.70 -44.18 16.04
CA LEU D 25 -17.43 -43.21 16.86
C LEU D 25 -17.74 -41.95 16.08
N LYS D 26 -16.81 -41.51 15.23
CA LYS D 26 -17.06 -40.35 14.39
C LYS D 26 -18.21 -40.60 13.42
N ASN D 27 -18.28 -41.82 12.88
CA ASN D 27 -19.41 -42.18 12.03
C ASN D 27 -20.72 -42.15 12.80
N GLN D 28 -20.69 -42.58 14.06
CA GLN D 28 -21.90 -42.52 14.89
C GLN D 28 -22.34 -41.08 15.09
N ILE D 29 -21.39 -40.17 15.30
CA ILE D 29 -21.73 -38.75 15.42
C ILE D 29 -22.35 -38.24 14.13
N ARG D 30 -21.76 -38.62 12.99
CA ARG D 30 -22.35 -38.25 11.70
C ARG D 30 -23.73 -38.87 11.52
N ASP D 31 -23.89 -40.14 11.92
CA ASP D 31 -25.19 -40.78 11.85
C ASP D 31 -26.20 -40.08 12.76
N ALA D 32 -25.76 -39.69 13.96
CA ALA D 32 -26.64 -38.93 14.84
C ALA D 32 -27.00 -37.58 14.22
N ARG D 33 -26.01 -36.93 13.59
CA ARG D 33 -26.30 -35.68 12.88
C ARG D 33 -27.23 -35.91 11.69
N LYS D 34 -27.04 -37.03 10.99
CA LYS D 34 -27.91 -37.33 9.85
C LYS D 34 -29.36 -37.50 10.29
N ALA D 35 -29.59 -38.21 11.39
CA ALA D 35 -30.93 -38.33 11.93
C ALA D 35 -31.46 -36.97 12.41
N CYS D 36 -30.57 -36.17 13.00
CA CYS D 36 -30.98 -34.83 13.44
C CYS D 36 -31.37 -33.95 12.26
N ALA D 37 -30.62 -34.04 11.15
CA ALA D 37 -30.86 -33.21 9.99
C ALA D 37 -32.09 -33.70 9.26
N ASP D 38 -33.21 -33.02 9.45
CA ASP D 38 -34.45 -33.32 8.76
C ASP D 38 -34.92 -32.21 7.84
N ALA D 39 -34.71 -30.96 8.23
CA ALA D 39 -35.08 -29.81 7.40
C ALA D 39 -33.98 -28.76 7.49
N THR D 40 -33.60 -28.22 6.33
CA THR D 40 -32.55 -27.21 6.29
C THR D 40 -33.10 -25.86 6.73
N LEU D 41 -32.17 -24.96 7.07
CA LEU D 41 -32.58 -23.61 7.48
C LEU D 41 -33.28 -22.87 6.36
N SER D 42 -32.75 -22.98 5.13
CA SER D 42 -33.36 -22.29 4.00
C SER D 42 -34.72 -22.86 3.63
N GLN D 43 -34.99 -24.13 3.97
CA GLN D 43 -36.28 -24.73 3.65
C GLN D 43 -37.41 -24.04 4.38
N ILE D 44 -37.22 -23.73 5.67
CA ILE D 44 -38.27 -23.10 6.46
C ILE D 44 -38.19 -21.58 6.44
N THR D 45 -37.11 -21.01 5.91
CA THR D 45 -36.95 -19.56 5.84
C THR D 45 -37.55 -18.96 4.57
N ASN D 46 -37.94 -19.80 3.61
CA ASN D 46 -38.46 -19.29 2.35
C ASN D 46 -39.83 -18.62 2.49
N ASN D 47 -40.47 -18.74 3.65
CA ASN D 47 -41.81 -18.19 3.86
C ASN D 47 -41.79 -16.83 4.56
N ILE D 48 -40.66 -16.12 4.53
CA ILE D 48 -40.55 -14.79 5.09
C ILE D 48 -40.00 -13.84 4.03
N ASP D 49 -40.27 -12.56 4.22
CA ASP D 49 -39.84 -11.56 3.26
C ASP D 49 -38.34 -11.33 3.34
N PRO D 50 -37.62 -11.37 2.22
CA PRO D 50 -36.19 -11.07 2.25
C PRO D 50 -35.93 -9.61 2.61
N VAL D 51 -34.75 -9.36 3.17
CA VAL D 51 -34.39 -8.00 3.55
C VAL D 51 -34.23 -7.12 2.31
N GLY D 52 -33.73 -7.67 1.21
CA GLY D 52 -33.58 -6.92 -0.01
C GLY D 52 -32.18 -6.41 -0.24
N ARG D 53 -32.02 -5.09 -0.41
CA ARG D 53 -30.73 -4.47 -0.66
C ARG D 53 -30.49 -3.37 0.36
N ILE D 54 -29.26 -3.30 0.86
CA ILE D 54 -28.85 -2.28 1.80
C ILE D 54 -27.73 -1.45 1.15
N GLN D 55 -27.93 -0.14 1.10
CA GLN D 55 -26.95 0.76 0.48
C GLN D 55 -26.07 1.37 1.56
N MET D 56 -25.12 0.57 2.03
CA MET D 56 -24.14 1.06 3.00
C MET D 56 -23.15 1.99 2.32
N ARG D 57 -22.88 3.13 2.95
CA ARG D 57 -21.97 4.13 2.41
C ARG D 57 -20.90 4.46 3.45
N THR D 58 -19.70 4.76 2.96
CA THR D 58 -18.59 5.12 3.83
C THR D 58 -18.86 6.48 4.46
N ARG D 59 -19.20 6.48 5.75
CA ARG D 59 -19.46 7.74 6.43
C ARG D 59 -18.17 8.50 6.70
N ARG D 60 -17.09 7.78 7.01
CA ARG D 60 -15.82 8.42 7.31
C ARG D 60 -14.69 7.43 7.03
N THR D 61 -13.49 7.97 6.85
CA THR D 61 -12.30 7.19 6.58
C THR D 61 -11.23 7.55 7.60
N LEU D 62 -10.65 6.53 8.23
CA LEU D 62 -9.58 6.71 9.20
C LEU D 62 -8.24 6.50 8.50
N ARG D 63 -7.45 7.55 8.40
CA ARG D 63 -6.18 7.55 7.66
C ARG D 63 -5.06 7.95 8.62
N GLY D 64 -4.51 6.95 9.32
CA GLY D 64 -3.39 7.20 10.21
C GLY D 64 -2.37 6.09 10.19
N HIS D 65 -2.61 5.08 9.38
CA HIS D 65 -1.71 3.94 9.27
C HIS D 65 -0.91 4.05 7.97
N LEU D 66 0.36 3.63 8.02
CA LEU D 66 1.23 3.64 6.87
C LEU D 66 1.62 2.25 6.41
N ALA D 67 0.91 1.22 6.89
CA ALA D 67 1.19 -0.15 6.50
C ALA D 67 -0.12 -0.93 6.49
N LYS D 68 -0.02 -2.21 6.13
CA LYS D 68 -1.20 -3.06 6.04
C LYS D 68 -1.86 -3.22 7.40
N ILE D 69 -3.18 -3.07 7.44
CA ILE D 69 -3.95 -3.24 8.67
C ILE D 69 -4.41 -4.68 8.74
N TYR D 70 -4.09 -5.35 9.86
CA TYR D 70 -4.36 -6.78 10.00
C TYR D 70 -5.53 -7.11 10.91
N ALA D 71 -5.82 -6.28 11.92
CA ALA D 71 -6.91 -6.58 12.82
C ALA D 71 -7.44 -5.29 13.44
N MET D 72 -8.70 -5.34 13.86
CA MET D 72 -9.32 -4.24 14.59
C MET D 72 -10.36 -4.83 15.54
N HIS D 73 -10.68 -4.06 16.58
CA HIS D 73 -11.71 -4.45 17.53
C HIS D 73 -12.54 -3.24 17.89
N TRP D 74 -13.85 -3.45 18.00
CA TRP D 74 -14.79 -2.40 18.35
C TRP D 74 -14.96 -2.30 19.85
N GLY D 75 -15.16 -1.08 20.33
CA GLY D 75 -15.43 -0.87 21.74
C GLY D 75 -16.85 -1.23 22.13
N THR D 76 -17.03 -1.48 23.43
CA THR D 76 -18.36 -1.78 23.94
C THR D 76 -19.27 -0.56 23.89
N ASP D 77 -18.69 0.64 23.92
CA ASP D 77 -19.45 1.87 23.83
C ASP D 77 -19.71 2.31 22.39
N SER D 78 -19.20 1.55 21.41
CA SER D 78 -19.38 1.85 19.99
C SER D 78 -18.85 3.24 19.64
N ARG D 79 -17.81 3.68 20.32
CA ARG D 79 -17.23 5.00 20.10
C ARG D 79 -15.73 4.95 19.84
N LEU D 80 -15.01 4.03 20.49
CA LEU D 80 -13.56 3.90 20.33
C LEU D 80 -13.24 2.53 19.76
N LEU D 81 -12.33 2.50 18.79
CA LEU D 81 -11.89 1.26 18.17
C LEU D 81 -10.37 1.25 18.09
N VAL D 82 -9.79 0.05 18.21
CA VAL D 82 -8.35 -0.14 18.12
C VAL D 82 -8.04 -0.77 16.77
N SER D 83 -6.93 -0.36 16.17
CA SER D 83 -6.49 -0.88 14.88
C SER D 83 -5.04 -1.32 14.98
N ALA D 84 -4.75 -2.49 14.42
CA ALA D 84 -3.40 -3.05 14.41
C ALA D 84 -2.87 -3.08 12.99
N SER D 85 -1.68 -2.52 12.78
CA SER D 85 -1.07 -2.48 11.47
C SER D 85 0.41 -2.81 11.57
N GLN D 86 0.98 -3.23 10.44
CA GLN D 86 2.34 -3.76 10.42
C GLN D 86 3.41 -2.70 10.63
N ASP D 87 3.06 -1.41 10.63
CA ASP D 87 4.06 -0.37 10.85
C ASP D 87 4.42 -0.21 12.33
N GLY D 88 4.04 -1.16 13.18
CA GLY D 88 4.41 -1.09 14.58
C GLY D 88 3.63 -0.08 15.39
N LYS D 89 2.46 0.32 14.93
CA LYS D 89 1.63 1.31 15.61
C LYS D 89 0.26 0.72 15.92
N LEU D 90 -0.24 1.01 17.12
CA LEU D 90 -1.55 0.56 17.58
C LEU D 90 -2.35 1.80 17.93
N ILE D 91 -3.24 2.21 17.03
CA ILE D 91 -3.94 3.48 17.13
C ILE D 91 -5.33 3.24 17.72
N ILE D 92 -5.66 4.01 18.75
CA ILE D 92 -7.02 4.05 19.29
C ILE D 92 -7.76 5.15 18.55
N TRP D 93 -8.84 4.80 17.86
CA TRP D 93 -9.55 5.72 16.98
C TRP D 93 -10.83 6.22 17.65
N ASP D 94 -10.96 7.54 17.73
CA ASP D 94 -12.22 8.17 18.11
C ASP D 94 -13.14 8.10 16.90
N SER D 95 -14.01 7.09 16.88
CA SER D 95 -14.78 6.80 15.67
C SER D 95 -15.71 7.95 15.29
N TYR D 96 -16.36 8.57 16.28
CA TYR D 96 -17.32 9.62 15.98
C TYR D 96 -16.66 10.83 15.33
N THR D 97 -15.51 11.25 15.83
CA THR D 97 -14.84 12.44 15.34
C THR D 97 -13.60 12.14 14.50
N THR D 98 -13.37 10.88 14.15
CA THR D 98 -12.21 10.44 13.35
C THR D 98 -10.89 10.85 13.97
N ASN D 99 -10.85 11.06 15.28
CA ASN D 99 -9.62 11.47 15.95
C ASN D 99 -8.85 10.26 16.44
N LYS D 100 -7.56 10.48 16.72
CA LYS D 100 -6.67 9.45 17.23
C LYS D 100 -6.50 9.66 18.72
N VAL D 101 -7.11 8.79 19.53
CA VAL D 101 -7.00 8.90 20.97
C VAL D 101 -5.58 8.58 21.43
N HIS D 102 -5.01 7.49 20.93
CA HIS D 102 -3.67 7.08 21.31
C HIS D 102 -2.97 6.46 20.11
N ALA D 103 -1.64 6.47 20.16
CA ALA D 103 -0.79 5.83 19.15
C ALA D 103 0.25 5.01 19.90
N ILE D 104 -0.07 3.74 20.16
CA ILE D 104 0.76 2.87 20.96
C ILE D 104 1.92 2.33 20.12
N PRO D 105 3.17 2.60 20.50
CA PRO D 105 4.30 2.00 19.79
C PRO D 105 4.52 0.55 20.22
N LEU D 106 4.81 -0.30 19.24
CA LEU D 106 5.03 -1.72 19.48
C LEU D 106 6.50 -2.06 19.34
N ARG D 107 7.01 -2.88 20.26
CA ARG D 107 8.38 -3.37 20.15
C ARG D 107 8.55 -4.24 18.91
N SER D 108 7.55 -5.09 18.62
CA SER D 108 7.54 -5.92 17.43
C SER D 108 6.46 -5.40 16.49
N SER D 109 6.87 -5.03 15.27
CA SER D 109 5.92 -4.50 14.29
C SER D 109 5.08 -5.58 13.63
N TRP D 110 5.43 -6.86 13.80
CA TRP D 110 4.70 -7.95 13.17
C TRP D 110 3.51 -8.35 14.03
N VAL D 111 2.53 -7.45 14.07
CA VAL D 111 1.29 -7.65 14.82
C VAL D 111 0.20 -8.11 13.86
N MET D 112 -0.53 -9.14 14.26
CA MET D 112 -1.60 -9.70 13.44
C MET D 112 -2.95 -9.74 14.16
N THR D 113 -3.00 -9.34 15.43
CA THR D 113 -4.26 -9.34 16.16
C THR D 113 -4.23 -8.23 17.20
N CYS D 114 -5.43 -7.80 17.60
CA CYS D 114 -5.57 -6.80 18.65
C CYS D 114 -6.94 -6.97 19.30
N ALA D 115 -7.00 -6.67 20.60
CA ALA D 115 -8.22 -6.80 21.37
C ALA D 115 -8.44 -5.53 22.19
N TYR D 116 -9.71 -5.27 22.49
CA TYR D 116 -10.11 -4.12 23.28
C TYR D 116 -10.91 -4.61 24.48
N ALA D 117 -10.53 -4.16 25.68
CA ALA D 117 -11.17 -4.65 26.88
C ALA D 117 -12.63 -4.20 26.93
N PRO D 118 -13.53 -5.04 27.45
CA PRO D 118 -14.94 -4.61 27.56
C PRO D 118 -15.13 -3.36 28.40
N SER D 119 -14.32 -3.19 29.45
CA SER D 119 -14.38 -1.98 30.26
C SER D 119 -13.65 -0.80 29.61
N GLY D 120 -12.86 -1.03 28.58
CA GLY D 120 -12.17 0.04 27.91
C GLY D 120 -10.89 0.49 28.58
N ASN D 121 -10.32 -0.32 29.47
CA ASN D 121 -9.10 0.05 30.18
C ASN D 121 -7.84 -0.60 29.62
N TYR D 122 -7.97 -1.69 28.87
CA TYR D 122 -6.82 -2.43 28.39
C TYR D 122 -6.98 -2.75 26.90
N VAL D 123 -5.85 -2.84 26.21
CA VAL D 123 -5.80 -3.22 24.81
C VAL D 123 -4.66 -4.21 24.61
N ALA D 124 -4.93 -5.31 23.92
CA ALA D 124 -3.95 -6.34 23.66
C ALA D 124 -3.53 -6.33 22.20
N CYS D 125 -2.40 -6.99 21.93
CA CYS D 125 -1.91 -7.17 20.57
C CYS D 125 -1.03 -8.42 20.54
N GLY D 126 -0.86 -8.97 19.35
CA GLY D 126 -0.04 -10.16 19.19
C GLY D 126 0.24 -10.42 17.73
N GLY D 127 1.19 -11.31 17.50
CA GLY D 127 1.59 -11.66 16.14
C GLY D 127 2.75 -12.62 16.07
N LEU D 128 3.74 -12.31 15.22
CA LEU D 128 4.87 -13.19 15.03
C LEU D 128 5.79 -13.25 16.25
N ASP D 129 5.72 -12.26 17.14
CA ASP D 129 6.55 -12.27 18.33
C ASP D 129 6.09 -13.30 19.36
N ASN D 130 4.92 -13.91 19.18
CA ASN D 130 4.34 -14.89 20.09
C ASN D 130 4.13 -14.33 21.48
N ILE D 131 3.99 -13.01 21.59
CA ILE D 131 3.83 -12.34 22.88
C ILE D 131 2.57 -11.49 22.82
N CYS D 132 1.68 -11.68 23.79
CA CYS D 132 0.46 -10.88 23.91
C CYS D 132 0.75 -9.72 24.86
N SER D 133 0.95 -8.53 24.29
CA SER D 133 1.27 -7.35 25.07
C SER D 133 -0.02 -6.65 25.49
N ILE D 134 -0.18 -6.45 26.80
CA ILE D 134 -1.35 -5.77 27.35
C ILE D 134 -0.96 -4.32 27.63
N TYR D 135 -1.80 -3.39 27.15
CA TYR D 135 -1.53 -1.97 27.26
C TYR D 135 -2.61 -1.31 28.11
N ASN D 136 -2.20 -0.52 29.09
CA ASN D 136 -3.13 0.20 29.96
C ASN D 136 -3.53 1.50 29.29
N LEU D 137 -4.82 1.65 28.98
CA LEU D 137 -5.29 2.84 28.29
C LEU D 137 -5.39 4.04 29.22
N LYS D 138 -5.65 3.82 30.51
CA LYS D 138 -5.87 4.94 31.42
C LYS D 138 -4.57 5.70 31.67
N THR D 139 -3.58 5.04 32.27
CA THR D 139 -2.26 5.61 32.55
C THR D 139 -2.38 7.00 33.19
N ARG D 140 -2.94 7.02 34.39
CA ARG D 140 -3.09 8.27 35.12
C ARG D 140 -1.75 8.94 35.38
N GLU D 141 -0.67 8.15 35.42
CA GLU D 141 0.66 8.73 35.65
C GLU D 141 1.11 9.54 34.45
N GLY D 142 0.83 9.07 33.23
CA GLY D 142 1.29 9.76 32.03
C GLY D 142 0.85 9.12 30.74
N ASN D 143 1.77 8.97 29.79
CA ASN D 143 1.44 8.39 28.50
C ASN D 143 1.24 6.87 28.63
N VAL D 144 0.71 6.29 27.55
CA VAL D 144 0.46 4.85 27.53
C VAL D 144 1.78 4.10 27.50
N ARG D 145 1.82 2.98 28.23
CA ARG D 145 3.04 2.18 28.31
C ARG D 145 2.63 0.71 28.44
N VAL D 146 3.62 -0.17 28.23
CA VAL D 146 3.39 -1.60 28.33
C VAL D 146 3.06 -1.97 29.77
N SER D 147 1.97 -2.73 29.95
CA SER D 147 1.58 -3.20 31.28
C SER D 147 2.09 -4.61 31.55
N ARG D 148 1.74 -5.57 30.69
CA ARG D 148 2.23 -6.93 30.82
C ARG D 148 2.45 -7.52 29.44
N GLU D 149 3.36 -8.49 29.36
CA GLU D 149 3.64 -9.21 28.12
C GLU D 149 3.47 -10.70 28.40
N LEU D 150 2.54 -11.34 27.69
CA LEU D 150 2.23 -12.75 27.88
C LEU D 150 3.02 -13.55 26.85
N ALA D 151 4.12 -14.16 27.30
CA ALA D 151 5.02 -14.92 26.44
C ALA D 151 5.00 -16.38 26.90
N GLY D 152 4.07 -17.15 26.37
CA GLY D 152 3.97 -18.56 26.69
C GLY D 152 3.56 -19.41 25.50
N HIS D 153 3.52 -18.81 24.32
CA HIS D 153 3.10 -19.48 23.10
C HIS D 153 4.30 -19.69 22.18
N THR D 154 4.37 -20.87 21.57
CA THR D 154 5.42 -21.20 20.61
C THR D 154 5.01 -20.95 19.17
N GLY D 155 3.82 -20.40 18.94
CA GLY D 155 3.35 -20.10 17.61
C GLY D 155 2.87 -18.66 17.50
N TYR D 156 2.70 -18.22 16.26
CA TYR D 156 2.27 -16.85 16.01
C TYR D 156 0.89 -16.60 16.58
N LEU D 157 0.72 -15.45 17.23
CA LEU D 157 -0.56 -15.08 17.83
C LEU D 157 -1.47 -14.56 16.73
N SER D 158 -2.55 -15.28 16.45
CA SER D 158 -3.47 -14.93 15.37
C SER D 158 -4.72 -14.21 15.85
N CYS D 159 -5.18 -14.49 17.07
CA CYS D 159 -6.36 -13.82 17.60
C CYS D 159 -6.27 -13.73 19.11
N CYS D 160 -6.97 -12.76 19.68
CA CYS D 160 -7.03 -12.57 21.11
C CYS D 160 -8.26 -11.74 21.44
N ARG D 161 -8.96 -12.13 22.52
CA ARG D 161 -10.15 -11.42 22.96
C ARG D 161 -10.18 -11.39 24.48
N PHE D 162 -10.58 -10.24 25.03
CA PHE D 162 -10.64 -10.07 26.48
C PHE D 162 -11.93 -10.65 27.02
N LEU D 163 -11.81 -11.54 28.02
CA LEU D 163 -12.99 -11.95 28.78
C LEU D 163 -13.41 -10.85 29.75
N ASP D 164 -12.44 -10.21 30.40
CA ASP D 164 -12.69 -9.12 31.32
C ASP D 164 -11.37 -8.36 31.50
N ASP D 165 -11.33 -7.49 32.50
CA ASP D 165 -10.12 -6.70 32.76
C ASP D 165 -8.96 -7.55 33.27
N ASN D 166 -9.20 -8.81 33.63
CA ASN D 166 -8.14 -9.67 34.16
C ASN D 166 -7.91 -10.94 33.36
N GLN D 167 -8.91 -11.43 32.62
CA GLN D 167 -8.79 -12.67 31.88
C GLN D 167 -8.84 -12.40 30.37
N ILE D 168 -8.03 -13.14 29.62
CA ILE D 168 -7.96 -13.00 28.17
C ILE D 168 -7.57 -14.34 27.57
N VAL D 169 -8.20 -14.68 26.45
CA VAL D 169 -7.89 -15.89 25.70
C VAL D 169 -7.28 -15.48 24.36
N THR D 170 -6.19 -16.15 23.98
CA THR D 170 -5.45 -15.79 22.79
C THR D 170 -5.30 -16.99 21.88
N SER D 171 -5.50 -16.78 20.58
CA SER D 171 -5.17 -17.78 19.58
C SER D 171 -3.67 -17.78 19.31
N SER D 172 -3.17 -18.91 18.83
CA SER D 172 -1.76 -19.03 18.53
C SER D 172 -1.57 -20.02 17.39
N GLY D 173 -0.42 -19.91 16.74
CA GLY D 173 -0.08 -20.80 15.64
C GLY D 173 0.44 -22.15 16.06
N ASP D 174 0.58 -22.40 17.37
CA ASP D 174 1.02 -23.69 17.88
C ASP D 174 -0.13 -24.67 18.08
N THR D 175 -1.27 -24.42 17.41
CA THR D 175 -2.40 -25.35 17.32
C THR D 175 -3.16 -25.39 18.65
N THR D 176 -2.62 -24.75 19.69
CA THR D 176 -3.21 -24.80 21.02
C THR D 176 -3.68 -23.40 21.42
N CYS D 177 -4.92 -23.32 21.90
CA CYS D 177 -5.45 -22.09 22.46
C CYS D 177 -5.18 -22.03 23.96
N ALA D 178 -5.05 -20.82 24.48
CA ALA D 178 -4.70 -20.64 25.89
C ALA D 178 -5.48 -19.47 26.47
N LEU D 179 -5.96 -19.63 27.69
CA LEU D 179 -6.62 -18.57 28.44
C LEU D 179 -5.63 -18.01 29.47
N TRP D 180 -5.43 -16.70 29.46
CA TRP D 180 -4.42 -16.06 30.27
C TRP D 180 -5.04 -15.37 31.48
N ASP D 181 -4.17 -14.93 32.38
CA ASP D 181 -4.58 -14.18 33.57
C ASP D 181 -3.63 -13.01 33.71
N ILE D 182 -4.16 -11.79 33.63
CA ILE D 182 -3.31 -10.61 33.52
C ILE D 182 -2.54 -10.36 34.82
N GLU D 183 -3.20 -10.47 35.96
CA GLU D 183 -2.54 -10.14 37.23
C GLU D 183 -1.39 -11.09 37.51
N THR D 184 -1.57 -12.38 37.22
CA THR D 184 -0.52 -13.36 37.44
C THR D 184 0.42 -13.50 36.25
N GLY D 185 -0.05 -13.20 35.04
CA GLY D 185 0.79 -13.32 33.87
C GLY D 185 1.06 -14.74 33.43
N GLN D 186 0.23 -15.70 33.84
CA GLN D 186 0.43 -17.10 33.51
C GLN D 186 -0.82 -17.66 32.86
N GLN D 187 -0.64 -18.77 32.14
CA GLN D 187 -1.75 -19.43 31.46
C GLN D 187 -2.65 -20.12 32.48
N THR D 188 -3.86 -19.60 32.65
CA THR D 188 -4.81 -20.24 33.56
C THR D 188 -5.18 -21.64 33.07
N THR D 189 -5.41 -21.79 31.78
CA THR D 189 -5.71 -23.08 31.19
C THR D 189 -5.29 -23.08 29.74
N THR D 190 -5.10 -24.28 29.19
CA THR D 190 -4.68 -24.46 27.81
C THR D 190 -5.69 -25.35 27.10
N PHE D 191 -6.15 -24.91 25.94
CA PHE D 191 -7.14 -25.63 25.15
C PHE D 191 -6.43 -26.43 24.07
N THR D 192 -6.42 -27.75 24.23
CA THR D 192 -5.74 -28.66 23.31
C THR D 192 -6.74 -29.59 22.66
N GLY D 193 -6.46 -29.97 21.42
CA GLY D 193 -7.34 -30.86 20.68
C GLY D 193 -7.41 -30.54 19.20
N HIS D 194 -6.95 -29.35 18.82
CA HIS D 194 -6.94 -28.98 17.41
C HIS D 194 -5.81 -29.71 16.68
N THR D 195 -5.81 -29.56 15.35
CA THR D 195 -4.77 -30.14 14.51
C THR D 195 -3.96 -29.08 13.78
N GLY D 196 -4.61 -28.14 13.09
CA GLY D 196 -3.93 -27.07 12.40
C GLY D 196 -3.70 -25.85 13.27
N ASP D 197 -3.12 -24.83 12.65
CA ASP D 197 -2.83 -23.60 13.36
C ASP D 197 -4.11 -22.80 13.59
N VAL D 198 -4.32 -22.37 14.83
CA VAL D 198 -5.53 -21.62 15.17
C VAL D 198 -5.43 -20.21 14.61
N MET D 199 -6.48 -19.78 13.91
CA MET D 199 -6.48 -18.49 13.24
C MET D 199 -7.38 -17.44 13.89
N SER D 200 -8.53 -17.84 14.42
CA SER D 200 -9.45 -16.87 15.00
C SER D 200 -10.28 -17.52 16.08
N LEU D 201 -10.67 -16.72 17.07
CA LEU D 201 -11.60 -17.13 18.11
C LEU D 201 -12.62 -16.03 18.34
N SER D 202 -13.80 -16.43 18.80
CA SER D 202 -14.88 -15.50 19.13
C SER D 202 -15.46 -15.86 20.49
N LEU D 203 -15.94 -14.85 21.20
CA LEU D 203 -16.49 -15.01 22.54
C LEU D 203 -17.99 -14.77 22.54
N ALA D 204 -18.72 -15.61 23.27
CA ALA D 204 -20.15 -15.44 23.42
C ALA D 204 -20.45 -14.22 24.28
N PRO D 205 -21.67 -13.66 24.17
CA PRO D 205 -21.99 -12.47 24.98
C PRO D 205 -21.85 -12.69 26.48
N ASP D 206 -22.11 -13.91 26.98
CA ASP D 206 -21.97 -14.16 28.41
C ASP D 206 -20.53 -14.43 28.83
N THR D 207 -19.60 -14.53 27.88
CA THR D 207 -18.18 -14.77 28.15
C THR D 207 -17.99 -16.02 29.00
N ARG D 208 -18.80 -17.05 28.72
CA ARG D 208 -18.71 -18.32 29.42
C ARG D 208 -18.35 -19.48 28.50
N LEU D 209 -18.24 -19.23 27.19
CA LEU D 209 -18.02 -20.28 26.21
C LEU D 209 -17.62 -19.62 24.90
N PHE D 210 -16.58 -20.15 24.25
CA PHE D 210 -16.03 -19.51 23.07
C PHE D 210 -15.65 -20.54 22.02
N VAL D 211 -15.70 -20.12 20.77
CA VAL D 211 -15.35 -20.96 19.64
C VAL D 211 -13.94 -20.64 19.18
N SER D 212 -13.38 -21.52 18.35
CA SER D 212 -12.03 -21.33 17.81
C SER D 212 -11.95 -21.98 16.44
N GLY D 213 -11.36 -21.27 15.48
CA GLY D 213 -11.17 -21.80 14.15
C GLY D 213 -9.70 -21.96 13.81
N ALA D 214 -9.32 -23.14 13.34
CA ALA D 214 -7.93 -23.47 13.07
C ALA D 214 -7.75 -23.79 11.59
N CYS D 215 -6.52 -24.19 11.24
CA CYS D 215 -6.16 -24.50 9.86
C CYS D 215 -6.55 -25.91 9.43
N ASP D 216 -7.08 -26.72 10.35
CA ASP D 216 -7.48 -28.09 10.04
C ASP D 216 -8.90 -28.19 9.49
N ALA D 217 -9.43 -27.08 8.97
CA ALA D 217 -10.77 -27.03 8.38
C ALA D 217 -11.83 -27.49 9.38
N SER D 218 -11.66 -27.10 10.65
CA SER D 218 -12.59 -27.49 11.69
C SER D 218 -12.78 -26.32 12.65
N ALA D 219 -13.96 -26.28 13.27
CA ALA D 219 -14.29 -25.29 14.29
C ALA D 219 -14.56 -26.04 15.60
N LYS D 220 -13.90 -25.61 16.67
CA LYS D 220 -13.95 -26.29 17.95
C LYS D 220 -14.49 -25.35 19.02
N LEU D 221 -15.36 -25.89 19.88
CA LEU D 221 -15.97 -25.13 20.97
C LEU D 221 -15.26 -25.47 22.27
N TRP D 222 -14.73 -24.43 22.93
CA TRP D 222 -13.94 -24.60 24.15
C TRP D 222 -14.65 -23.97 25.33
N ASP D 223 -14.75 -24.72 26.42
CA ASP D 223 -15.30 -24.19 27.66
C ASP D 223 -14.20 -23.44 28.43
N VAL D 224 -14.51 -22.22 28.87
CA VAL D 224 -13.50 -21.37 29.49
C VAL D 224 -13.05 -21.95 30.83
N ARG D 225 -14.00 -22.30 31.69
CA ARG D 225 -13.65 -22.77 33.02
C ARG D 225 -13.01 -24.15 32.98
N GLU D 226 -13.63 -25.08 32.25
CA GLU D 226 -13.11 -26.45 32.22
C GLU D 226 -11.86 -26.56 31.35
N GLY D 227 -11.75 -25.76 30.31
CA GLY D 227 -10.59 -25.84 29.44
C GLY D 227 -10.56 -27.05 28.53
N MET D 228 -11.71 -27.63 28.22
CA MET D 228 -11.79 -28.79 27.36
C MET D 228 -12.76 -28.53 26.21
N CYS D 229 -12.64 -29.34 25.16
CA CYS D 229 -13.41 -29.17 23.93
C CYS D 229 -14.79 -29.79 24.10
N ARG D 230 -15.82 -28.95 24.18
CA ARG D 230 -17.19 -29.44 24.23
C ARG D 230 -17.66 -29.96 22.88
N GLN D 231 -17.37 -29.22 21.81
CA GLN D 231 -17.96 -29.50 20.51
C GLN D 231 -16.94 -29.26 19.41
N THR D 232 -17.06 -30.04 18.34
CA THR D 232 -16.19 -29.93 17.17
C THR D 232 -17.05 -29.90 15.91
N PHE D 233 -16.77 -28.94 15.04
CA PHE D 233 -17.53 -28.75 13.80
C PHE D 233 -16.57 -28.88 12.62
N THR D 234 -16.79 -29.90 11.79
CA THR D 234 -15.94 -30.18 10.63
C THR D 234 -16.84 -30.17 9.39
N GLY D 235 -16.93 -29.02 8.73
CA GLY D 235 -17.75 -28.90 7.54
C GLY D 235 -17.09 -28.12 6.42
N HIS D 236 -15.90 -27.62 6.64
CA HIS D 236 -15.20 -26.78 5.67
C HIS D 236 -14.21 -27.61 4.86
N GLU D 237 -14.07 -27.27 3.58
CA GLU D 237 -13.11 -27.93 2.71
C GLU D 237 -11.71 -27.37 2.85
N SER D 238 -11.57 -26.12 3.29
CA SER D 238 -10.28 -25.47 3.46
C SER D 238 -10.17 -24.91 4.88
N ASP D 239 -9.04 -24.30 5.17
CA ASP D 239 -8.79 -23.79 6.52
C ASP D 239 -9.71 -22.62 6.84
N ILE D 240 -9.90 -22.38 8.13
CA ILE D 240 -10.80 -21.36 8.64
C ILE D 240 -9.96 -20.18 9.13
N ASN D 241 -10.29 -18.98 8.63
CA ASN D 241 -9.58 -17.77 9.00
C ASN D 241 -10.38 -16.83 9.87
N ALA D 242 -11.71 -16.96 9.91
CA ALA D 242 -12.57 -16.07 10.67
C ALA D 242 -13.66 -16.87 11.34
N ILE D 243 -14.17 -16.33 12.46
CA ILE D 243 -15.26 -16.97 13.20
C ILE D 243 -15.89 -15.91 14.09
N CYS D 244 -17.20 -16.04 14.30
CA CYS D 244 -17.93 -15.04 15.08
C CYS D 244 -19.24 -15.64 15.57
N PHE D 245 -19.53 -15.46 16.86
CA PHE D 245 -20.79 -15.89 17.42
C PHE D 245 -21.96 -15.09 16.88
N PHE D 246 -23.12 -15.72 16.84
CA PHE D 246 -24.37 -15.01 16.65
C PHE D 246 -24.65 -14.15 17.89
N PRO D 247 -25.36 -13.04 17.73
CA PRO D 247 -25.69 -12.22 18.91
C PRO D 247 -26.44 -12.97 20.00
N ASN D 248 -27.27 -13.96 19.63
CA ASN D 248 -27.95 -14.75 20.66
C ASN D 248 -27.03 -15.72 21.37
N GLY D 249 -25.86 -16.02 20.78
CA GLY D 249 -24.90 -16.91 21.40
C GLY D 249 -25.14 -18.38 21.17
N ASN D 250 -26.19 -18.76 20.44
CA ASN D 250 -26.49 -20.15 20.17
C ASN D 250 -26.04 -20.60 18.79
N ALA D 251 -25.32 -19.75 18.07
CA ALA D 251 -24.85 -20.10 16.73
C ALA D 251 -23.63 -19.25 16.40
N PHE D 252 -22.90 -19.66 15.37
CA PHE D 252 -21.73 -18.94 14.93
C PHE D 252 -21.47 -19.24 13.46
N ALA D 253 -20.73 -18.34 12.81
CA ALA D 253 -20.40 -18.44 11.40
C ALA D 253 -18.89 -18.44 11.23
N THR D 254 -18.42 -19.26 10.30
CA THR D 254 -16.99 -19.43 10.05
C THR D 254 -16.63 -18.99 8.63
N GLY D 255 -15.54 -18.26 8.52
CA GLY D 255 -15.01 -17.82 7.24
C GLY D 255 -13.77 -18.62 6.88
N SER D 256 -13.77 -19.18 5.67
CA SER D 256 -12.72 -20.07 5.21
C SER D 256 -12.12 -19.55 3.91
N ASP D 257 -11.14 -20.29 3.39
CA ASP D 257 -10.49 -19.95 2.13
C ASP D 257 -11.10 -20.67 0.93
N ASP D 258 -12.15 -21.46 1.13
CA ASP D 258 -12.81 -22.16 0.04
C ASP D 258 -13.98 -21.36 -0.52
N ALA D 259 -14.00 -20.05 -0.31
CA ALA D 259 -15.03 -19.14 -0.82
C ALA D 259 -16.42 -19.47 -0.28
N THR D 260 -16.50 -20.15 0.86
CA THR D 260 -17.77 -20.54 1.46
C THR D 260 -17.77 -20.13 2.93
N CYS D 261 -18.84 -19.45 3.35
CA CYS D 261 -19.10 -19.18 4.76
C CYS D 261 -20.18 -20.13 5.24
N ARG D 262 -19.95 -20.78 6.38
CA ARG D 262 -20.86 -21.76 6.92
C ARG D 262 -21.33 -21.34 8.30
N LEU D 263 -22.63 -21.49 8.55
CA LEU D 263 -23.22 -21.15 9.84
C LEU D 263 -23.47 -22.44 10.61
N PHE D 264 -22.94 -22.50 11.83
CA PHE D 264 -23.11 -23.65 12.70
C PHE D 264 -23.83 -23.23 13.98
N ASP D 265 -24.71 -24.09 14.46
CA ASP D 265 -25.44 -23.85 15.71
C ASP D 265 -25.01 -24.86 16.76
N LEU D 266 -24.80 -24.36 17.99
CA LEU D 266 -24.27 -25.21 19.05
C LEU D 266 -25.28 -26.25 19.51
N ARG D 267 -26.57 -25.96 19.40
CA ARG D 267 -27.57 -26.85 19.97
C ARG D 267 -27.69 -28.16 19.19
N ALA D 268 -27.54 -28.11 17.87
CA ALA D 268 -27.75 -29.29 17.04
C ALA D 268 -26.49 -29.87 16.42
N ASP D 269 -25.35 -29.16 16.49
CA ASP D 269 -24.11 -29.60 15.84
C ASP D 269 -24.33 -29.86 14.34
N GLN D 270 -25.00 -28.92 13.69
CA GLN D 270 -25.36 -29.07 12.28
C GLN D 270 -24.85 -27.89 11.47
N GLU D 271 -24.48 -28.18 10.23
CA GLU D 271 -24.16 -27.13 9.26
C GLU D 271 -25.47 -26.54 8.77
N LEU D 272 -25.89 -25.43 9.39
CA LEU D 272 -27.22 -24.87 9.14
C LEU D 272 -27.37 -24.44 7.68
N MET D 273 -26.36 -23.73 7.15
CA MET D 273 -26.45 -23.20 5.80
C MET D 273 -25.06 -22.74 5.37
N THR D 274 -24.92 -22.51 4.07
CA THR D 274 -23.65 -22.08 3.48
C THR D 274 -23.85 -20.77 2.74
N TYR D 275 -22.89 -19.87 2.87
CA TYR D 275 -22.94 -18.54 2.26
C TYR D 275 -21.87 -18.50 1.17
N SER D 276 -22.25 -18.92 -0.04
CA SER D 276 -21.34 -18.90 -1.18
C SER D 276 -22.12 -18.53 -2.43
N HIS D 277 -21.40 -17.97 -3.40
CA HIS D 277 -21.98 -17.58 -4.68
C HIS D 277 -21.07 -18.07 -5.79
N ASP D 278 -21.66 -18.26 -6.98
CA ASP D 278 -20.93 -18.89 -8.08
C ASP D 278 -19.76 -18.05 -8.56
N ASN D 279 -19.85 -16.73 -8.49
CA ASN D 279 -18.79 -15.86 -8.99
C ASN D 279 -17.74 -15.53 -7.94
N ILE D 280 -17.83 -16.12 -6.75
CA ILE D 280 -16.87 -15.88 -5.69
C ILE D 280 -15.97 -17.11 -5.55
N ILE D 281 -14.67 -16.92 -5.75
CA ILE D 281 -13.69 -17.98 -5.59
C ILE D 281 -12.64 -17.66 -4.55
N CYS D 282 -12.55 -16.42 -4.09
CA CYS D 282 -11.56 -16.02 -3.11
C CYS D 282 -12.02 -16.40 -1.70
N GLY D 283 -11.05 -16.46 -0.79
CA GLY D 283 -11.32 -16.85 0.58
C GLY D 283 -11.92 -15.74 1.42
N ILE D 284 -12.23 -16.09 2.66
CA ILE D 284 -12.82 -15.16 3.63
C ILE D 284 -11.84 -14.99 4.78
N THR D 285 -11.55 -13.73 5.12
CA THR D 285 -10.62 -13.41 6.19
C THR D 285 -11.28 -12.85 7.43
N SER D 286 -12.48 -12.28 7.33
CA SER D 286 -13.14 -11.66 8.46
C SER D 286 -14.65 -11.83 8.32
N VAL D 287 -15.31 -12.16 9.43
CA VAL D 287 -16.76 -12.28 9.48
C VAL D 287 -17.27 -11.53 10.71
N SER D 288 -18.55 -11.15 10.65
CA SER D 288 -19.18 -10.42 11.74
C SER D 288 -20.69 -10.51 11.57
N PHE D 289 -21.41 -10.15 12.63
CA PHE D 289 -22.87 -10.14 12.65
C PHE D 289 -23.36 -8.77 13.07
N SER D 290 -24.58 -8.43 12.65
CA SER D 290 -25.20 -7.17 13.00
C SER D 290 -25.78 -7.26 14.42
N LYS D 291 -26.53 -6.23 14.83
CA LYS D 291 -27.14 -6.22 16.16
C LYS D 291 -28.13 -7.37 16.31
N SER D 292 -28.98 -7.58 15.31
CA SER D 292 -29.94 -8.67 15.32
C SER D 292 -29.40 -9.95 14.70
N GLY D 293 -28.22 -9.90 14.09
CA GLY D 293 -27.65 -11.07 13.45
C GLY D 293 -28.25 -11.40 12.10
N ARG D 294 -29.13 -10.56 11.57
CA ARG D 294 -29.73 -10.84 10.27
C ARG D 294 -28.73 -10.68 9.14
N LEU D 295 -27.81 -9.72 9.27
CA LEU D 295 -26.81 -9.46 8.24
C LEU D 295 -25.49 -10.08 8.66
N LEU D 296 -24.99 -11.01 7.85
CA LEU D 296 -23.69 -11.64 8.07
C LEU D 296 -22.67 -10.91 7.20
N LEU D 297 -21.97 -9.95 7.79
CA LEU D 297 -20.94 -9.20 7.07
C LEU D 297 -19.65 -9.99 7.08
N ALA D 298 -19.21 -10.42 5.91
CA ALA D 298 -18.01 -11.24 5.78
C ALA D 298 -17.04 -10.59 4.80
N GLY D 299 -15.80 -10.42 5.22
CA GLY D 299 -14.77 -9.94 4.32
C GLY D 299 -14.34 -11.00 3.33
N TYR D 300 -13.81 -10.54 2.19
CA TYR D 300 -13.41 -11.44 1.12
C TYR D 300 -12.06 -11.01 0.59
N ASP D 301 -11.40 -11.95 -0.11
CA ASP D 301 -10.06 -11.71 -0.64
C ASP D 301 -10.08 -10.99 -1.99
N ASP D 302 -11.25 -10.63 -2.50
CA ASP D 302 -11.38 -9.96 -3.79
C ASP D 302 -11.47 -8.45 -3.65
N PHE D 303 -10.79 -7.87 -2.66
CA PHE D 303 -10.59 -6.44 -2.44
C PHE D 303 -11.84 -5.76 -1.88
N ASN D 304 -12.93 -6.47 -1.63
CA ASN D 304 -14.14 -5.84 -1.11
C ASN D 304 -14.92 -6.84 -0.28
N CYS D 305 -15.81 -6.30 0.56
CA CYS D 305 -16.64 -7.11 1.45
C CYS D 305 -18.02 -7.31 0.85
N ASN D 306 -18.65 -8.42 1.24
CA ASN D 306 -19.99 -8.75 0.79
C ASN D 306 -20.88 -9.00 2.01
N VAL D 307 -22.04 -8.34 2.05
CA VAL D 307 -23.00 -8.52 3.12
C VAL D 307 -23.95 -9.66 2.74
N TRP D 308 -24.05 -10.65 3.60
CA TRP D 308 -24.86 -11.84 3.35
C TRP D 308 -26.06 -11.88 4.28
N ASP D 309 -27.20 -12.32 3.74
CA ASP D 309 -28.37 -12.54 4.56
C ASP D 309 -28.17 -13.82 5.37
N ALA D 310 -28.20 -13.70 6.70
CA ALA D 310 -27.90 -14.83 7.57
C ALA D 310 -28.98 -15.90 7.55
N LEU D 311 -30.12 -15.63 6.92
CA LEU D 311 -31.21 -16.59 6.87
C LEU D 311 -31.54 -17.10 5.47
N LYS D 312 -31.20 -16.35 4.42
CA LYS D 312 -31.59 -16.72 3.06
C LYS D 312 -30.41 -16.86 2.09
N ALA D 313 -29.18 -16.66 2.55
CA ALA D 313 -27.97 -16.80 1.74
C ALA D 313 -27.94 -15.83 0.57
N ASP D 314 -28.75 -14.77 0.62
CA ASP D 314 -28.79 -13.78 -0.45
C ASP D 314 -27.87 -12.61 -0.11
N ARG D 315 -27.00 -12.26 -1.05
CA ARG D 315 -26.09 -11.12 -0.85
C ARG D 315 -26.89 -9.83 -0.88
N ALA D 316 -27.07 -9.22 0.30
CA ALA D 316 -27.90 -8.03 0.42
C ALA D 316 -27.11 -6.73 0.27
N GLY D 317 -25.81 -6.82 0.05
CA GLY D 317 -25.01 -5.61 -0.12
C GLY D 317 -23.55 -5.97 -0.30
N VAL D 318 -22.82 -5.02 -0.88
CA VAL D 318 -21.39 -5.16 -1.13
C VAL D 318 -20.68 -3.91 -0.64
N LEU D 319 -19.66 -4.10 0.18
CA LEU D 319 -18.82 -2.99 0.67
C LEU D 319 -17.57 -2.94 -0.20
N ALA D 320 -17.58 -2.03 -1.18
CA ALA D 320 -16.50 -1.98 -2.17
C ALA D 320 -15.77 -0.65 -2.12
N GLY D 321 -15.44 -0.18 -0.92
CA GLY D 321 -14.73 1.08 -0.77
C GLY D 321 -13.34 0.91 -0.20
N HIS D 322 -12.62 -0.12 -0.65
CA HIS D 322 -11.27 -0.38 -0.19
C HIS D 322 -10.36 -0.63 -1.38
N ASP D 323 -9.11 -0.20 -1.25
CA ASP D 323 -8.14 -0.29 -2.33
C ASP D 323 -7.30 -1.55 -2.30
N ASN D 324 -7.24 -2.23 -1.15
CA ASN D 324 -6.49 -3.47 -1.01
C ASN D 324 -7.41 -4.53 -0.42
N ARG D 325 -6.85 -5.73 -0.22
CA ARG D 325 -7.64 -6.83 0.30
C ARG D 325 -7.97 -6.60 1.76
N VAL D 326 -9.23 -6.85 2.13
CA VAL D 326 -9.73 -6.60 3.47
C VAL D 326 -9.42 -7.78 4.36
N SER D 327 -8.80 -7.51 5.52
CA SER D 327 -8.36 -8.56 6.42
C SER D 327 -9.13 -8.63 7.73
N CYS D 328 -9.74 -7.53 8.16
CA CYS D 328 -10.46 -7.48 9.43
C CYS D 328 -11.77 -6.74 9.27
N LEU D 329 -12.74 -7.08 10.11
CA LEU D 329 -14.07 -6.52 10.04
C LEU D 329 -14.73 -6.64 11.42
N GLY D 330 -15.37 -5.58 11.86
CA GLY D 330 -16.01 -5.56 13.16
C GLY D 330 -17.28 -4.74 13.15
N VAL D 331 -18.23 -5.18 13.96
CA VAL D 331 -19.53 -4.51 14.10
C VAL D 331 -19.65 -4.01 15.54
N THR D 332 -20.16 -2.79 15.69
CA THR D 332 -20.35 -2.22 17.01
C THR D 332 -21.31 -3.06 17.84
N ASP D 333 -21.21 -2.91 19.16
CA ASP D 333 -22.07 -3.68 20.06
C ASP D 333 -23.54 -3.36 19.84
N ASP D 334 -23.87 -2.09 19.65
CA ASP D 334 -25.25 -1.70 19.37
C ASP D 334 -25.64 -1.86 17.91
N GLY D 335 -24.69 -2.19 17.04
CA GLY D 335 -25.00 -2.35 15.64
C GLY D 335 -25.16 -1.06 14.87
N MET D 336 -24.72 0.06 15.44
CA MET D 336 -24.91 1.35 14.77
C MET D 336 -24.15 1.42 13.45
N ALA D 337 -22.91 0.92 13.43
CA ALA D 337 -22.10 0.99 12.22
C ALA D 337 -21.15 -0.19 12.17
N VAL D 338 -20.61 -0.44 10.99
CA VAL D 338 -19.62 -1.49 10.76
C VAL D 338 -18.36 -0.84 10.21
N ALA D 339 -17.21 -1.21 10.77
CA ALA D 339 -15.92 -0.67 10.35
C ALA D 339 -15.13 -1.77 9.65
N THR D 340 -14.59 -1.44 8.49
CA THR D 340 -13.86 -2.40 7.66
C THR D 340 -12.39 -2.01 7.60
N GLY D 341 -11.51 -2.97 7.88
CA GLY D 341 -10.09 -2.77 7.74
C GLY D 341 -9.55 -3.48 6.51
N SER D 342 -8.42 -2.99 6.01
CA SER D 342 -7.85 -3.51 4.78
C SER D 342 -6.36 -3.21 4.75
N TRP D 343 -5.66 -3.88 3.83
CA TRP D 343 -4.22 -3.70 3.68
C TRP D 343 -3.85 -2.35 3.07
N ASP D 344 -4.83 -1.58 2.60
CA ASP D 344 -4.55 -0.26 2.03
C ASP D 344 -4.34 0.81 3.09
N SER D 345 -4.12 0.40 4.35
CA SER D 345 -3.86 1.32 5.46
C SER D 345 -5.03 2.28 5.70
N PHE D 346 -6.23 1.86 5.32
CA PHE D 346 -7.43 2.68 5.47
C PHE D 346 -8.50 1.91 6.21
N LEU D 347 -9.26 2.64 7.02
CA LEU D 347 -10.37 2.07 7.79
C LEU D 347 -11.66 2.76 7.34
N LYS D 348 -12.58 1.99 6.78
CA LYS D 348 -13.85 2.50 6.28
C LYS D 348 -14.97 2.09 7.24
N ILE D 349 -15.82 3.04 7.59
CA ILE D 349 -16.94 2.82 8.49
C ILE D 349 -18.23 2.95 7.68
N TRP D 350 -19.08 1.93 7.76
CA TRP D 350 -20.30 1.86 6.97
C TRP D 350 -21.51 1.77 7.88
N ASN D 351 -22.60 2.40 7.47
CA ASN D 351 -23.88 2.31 8.18
C ASN D 351 -24.92 1.59 7.34
N ALA E 10 -0.36 -41.98 24.21
CA ALA E 10 -1.50 -41.59 25.03
C ALA E 10 -2.34 -40.53 24.32
N GLN E 11 -1.81 -40.02 23.20
CA GLN E 11 -2.54 -39.02 22.44
C GLN E 11 -3.83 -39.58 21.87
N ALA E 12 -3.79 -40.80 21.35
CA ALA E 12 -4.99 -41.43 20.80
C ALA E 12 -6.03 -41.67 21.89
N ARG E 13 -5.58 -42.11 23.07
CA ARG E 13 -6.51 -42.33 24.18
C ARG E 13 -7.14 -41.01 24.63
N LYS E 14 -6.36 -39.94 24.66
CA LYS E 14 -6.90 -38.64 25.03
C LYS E 14 -7.92 -38.15 24.01
N LEU E 15 -7.66 -38.40 22.72
CA LEU E 15 -8.61 -38.00 21.68
C LEU E 15 -9.94 -38.72 21.83
N VAL E 16 -9.90 -40.02 22.13
CA VAL E 16 -11.14 -40.77 22.33
C VAL E 16 -11.89 -40.28 23.55
N GLU E 17 -11.16 -39.99 24.64
CA GLU E 17 -11.79 -39.44 25.83
C GLU E 17 -12.42 -38.08 25.57
N GLN E 18 -11.94 -37.35 24.56
CA GLN E 18 -12.56 -36.09 24.16
C GLN E 18 -13.62 -36.26 23.09
N LEU E 19 -13.42 -37.21 22.16
CA LEU E 19 -14.40 -37.45 21.11
C LEU E 19 -15.66 -38.12 21.66
N LYS E 20 -15.54 -38.90 22.73
CA LYS E 20 -16.68 -39.64 23.25
C LYS E 20 -17.74 -38.71 23.82
N MET E 21 -17.33 -37.68 24.56
CA MET E 21 -18.31 -36.84 25.24
C MET E 21 -19.08 -35.94 24.28
N GLU E 22 -18.57 -35.72 23.07
CA GLU E 22 -19.32 -34.95 22.08
C GLU E 22 -20.61 -35.66 21.69
N ALA E 23 -20.56 -36.99 21.58
CA ALA E 23 -21.77 -37.75 21.28
C ALA E 23 -22.70 -37.86 22.48
N ASN E 24 -22.15 -37.75 23.70
CA ASN E 24 -22.98 -37.89 24.90
C ASN E 24 -23.99 -36.76 25.03
N ILE E 25 -23.59 -35.53 24.70
CA ILE E 25 -24.50 -34.40 24.83
C ILE E 25 -25.63 -34.54 23.82
N ASP E 26 -26.84 -34.16 24.26
CA ASP E 26 -28.02 -34.32 23.43
C ASP E 26 -28.08 -33.24 22.36
N ARG E 27 -28.62 -33.60 21.21
CA ARG E 27 -28.82 -32.68 20.09
C ARG E 27 -30.31 -32.49 19.86
N ILE E 28 -30.76 -31.24 19.86
CA ILE E 28 -32.16 -30.93 19.58
C ILE E 28 -32.37 -30.96 18.08
N LYS E 29 -33.63 -30.95 17.66
CA LYS E 29 -33.95 -31.00 16.23
C LYS E 29 -33.39 -29.78 15.51
N VAL E 30 -32.88 -30.00 14.31
CA VAL E 30 -32.28 -28.90 13.55
C VAL E 30 -33.35 -27.88 13.15
N SER E 31 -34.56 -28.34 12.86
CA SER E 31 -35.64 -27.42 12.52
C SER E 31 -36.00 -26.52 13.70
N LYS E 32 -36.04 -27.10 14.91
CA LYS E 32 -36.31 -26.30 16.10
C LYS E 32 -35.21 -25.27 16.34
N ALA E 33 -33.95 -25.67 16.18
CA ALA E 33 -32.85 -24.73 16.33
C ALA E 33 -32.91 -23.66 15.25
N ALA E 34 -33.23 -24.04 14.01
CA ALA E 34 -33.33 -23.07 12.93
C ALA E 34 -34.48 -22.10 13.17
N ALA E 35 -35.63 -22.61 13.62
CA ALA E 35 -36.77 -21.74 13.89
C ALA E 35 -36.48 -20.79 15.05
N ASP E 36 -35.85 -21.30 16.11
CA ASP E 36 -35.51 -20.44 17.25
C ASP E 36 -34.49 -19.40 16.83
N LEU E 37 -33.51 -19.78 16.01
CA LEU E 37 -32.53 -18.81 15.53
C LEU E 37 -33.19 -17.73 14.68
N MET E 38 -34.13 -18.12 13.83
CA MET E 38 -34.84 -17.15 13.01
C MET E 38 -35.71 -16.23 13.85
N ALA E 39 -36.29 -16.75 14.93
CA ALA E 39 -37.13 -15.91 15.80
C ALA E 39 -36.33 -14.81 16.46
N TYR E 40 -35.05 -15.06 16.76
CA TYR E 40 -34.21 -14.02 17.35
C TYR E 40 -34.02 -12.85 16.40
N CYS E 41 -33.84 -13.14 15.10
CA CYS E 41 -33.62 -12.06 14.13
C CYS E 41 -34.86 -11.18 14.00
N GLU E 42 -36.05 -11.78 13.96
CA GLU E 42 -37.27 -10.98 13.82
C GLU E 42 -37.61 -10.25 15.10
N ALA E 43 -37.17 -10.75 16.25
CA ALA E 43 -37.44 -10.07 17.51
C ALA E 43 -36.57 -8.83 17.69
N HIS E 44 -35.31 -8.91 17.27
CA HIS E 44 -34.36 -7.81 17.43
C HIS E 44 -34.17 -7.00 16.16
N ALA E 45 -35.02 -7.20 15.15
CA ALA E 45 -34.85 -6.49 13.88
C ALA E 45 -35.08 -4.99 14.02
N LYS E 46 -35.90 -4.57 14.99
CA LYS E 46 -36.23 -3.15 15.09
C LYS E 46 -35.10 -2.34 15.70
N GLU E 47 -34.25 -2.95 16.53
CA GLU E 47 -33.08 -2.25 17.09
C GLU E 47 -31.81 -2.54 16.31
N ASP E 48 -31.93 -2.80 15.01
CA ASP E 48 -30.76 -3.08 14.17
C ASP E 48 -30.56 -1.95 13.18
N PRO E 49 -29.64 -1.01 13.45
CA PRO E 49 -29.41 0.07 12.48
C PRO E 49 -28.93 -0.41 11.12
N LEU E 50 -28.19 -1.51 11.08
CA LEU E 50 -27.73 -2.04 9.79
C LEU E 50 -28.89 -2.55 8.95
N LEU E 51 -29.89 -3.16 9.59
CA LEU E 51 -31.04 -3.67 8.85
C LEU E 51 -31.85 -2.53 8.25
N THR E 52 -32.19 -1.53 9.05
CA THR E 52 -32.98 -0.39 8.61
C THR E 52 -32.20 0.89 8.82
N PRO E 53 -31.90 1.66 7.77
CA PRO E 53 -31.14 2.89 7.95
C PRO E 53 -31.86 3.87 8.86
N VAL E 54 -31.08 4.59 9.67
CA VAL E 54 -31.62 5.52 10.65
C VAL E 54 -31.36 6.95 10.16
N PRO E 55 -32.19 7.92 10.55
CA PRO E 55 -31.94 9.31 10.14
C PRO E 55 -30.67 9.85 10.76
N ALA E 56 -30.16 10.93 10.14
CA ALA E 56 -28.91 11.54 10.60
C ALA E 56 -29.02 12.05 12.03
N SER E 57 -30.23 12.40 12.47
CA SER E 57 -30.42 12.84 13.85
C SER E 57 -30.09 11.73 14.83
N GLU E 58 -30.51 10.50 14.54
CA GLU E 58 -30.23 9.35 15.38
C GLU E 58 -28.94 8.64 15.00
N ASN E 59 -28.26 9.08 13.94
CA ASN E 59 -27.03 8.45 13.50
C ASN E 59 -25.84 9.30 13.93
N PRO E 60 -24.99 8.84 14.84
CA PRO E 60 -23.82 9.63 15.23
C PRO E 60 -22.81 9.81 14.11
N PHE E 61 -22.87 8.99 13.06
CA PHE E 61 -21.92 9.06 11.94
C PHE E 61 -22.44 9.92 10.80
N ARG E 62 -23.27 10.93 11.10
CA ARG E 62 -23.89 11.83 10.12
C ARG E 62 -24.27 11.15 8.81
#